data_9C5H
#
_entry.id   9C5H
#
_cell.length_a   120.575
_cell.length_b   81.525
_cell.length_c   121.324
_cell.angle_alpha   90.000
_cell.angle_beta   107.400
_cell.angle_gamma   90.000
#
_symmetry.space_group_name_H-M   'C 1 2 1'
#
loop_
_entity.id
_entity.type
_entity.pdbx_description
1 polymer 'Hydroxybutyrate dehydrogenase'
2 non-polymer 'NADPH DIHYDRO-NICOTINAMIDE-ADENINE-DINUCLEOTIDE PHOSPHATE'
3 non-polymer 'MALONATE ION'
4 non-polymer 1,2-ETHANEDIOL
5 non-polymer DI(HYDROXYETHYL)ETHER
6 water water
#
_entity_poly.entity_id   1
_entity_poly.type   'polypeptide(L)'
_entity_poly.pdbx_seq_one_letter_code
;GPHMMSGEKRVLSGRVAVVTGSRKGIGLGIAMRLAMAGADVVLNGRRQSPEDSAIVEKVAAYGTRVRCFAANMKDRAQVE
ALIKFTEKELGAVEILVNNAGIQHVSPVETFPSDKWDEIIALNLTSAFHATQLCLPSMRQRGWGRIINIASVQGLVGSMN
KSAYCAAKHGLIGFTKVVALETATTGITCNAICPGYVYTPLVEEQIKAVAEAKYGGDMEAATQAFLCEKQPAKAFVTVEQ
VGDAAVFLASPGADMIRGTTITVDGGWVAQ
;
_entity_poly.pdbx_strand_id   A,B,C,D
#
loop_
_chem_comp.id
_chem_comp.type
_chem_comp.name
_chem_comp.formula
EDO non-polymer 1,2-ETHANEDIOL 'C2 H6 O2'
MLI non-polymer 'MALONATE ION' 'C3 H2 O4 -2'
NDP non-polymer 'NADPH DIHYDRO-NICOTINAMIDE-ADENINE-DINUCLEOTIDE PHOSPHATE' 'C21 H30 N7 O17 P3'
PEG non-polymer DI(HYDROXYETHYL)ETHER 'C4 H10 O3'
#
# COMPACT_ATOMS: atom_id res chain seq x y z
N LYS A 9 33.59 12.46 -14.76
CA LYS A 9 33.66 11.22 -15.54
C LYS A 9 32.47 10.28 -15.26
N ARG A 10 32.10 10.11 -14.01
CA ARG A 10 31.04 9.18 -13.60
C ARG A 10 29.85 9.94 -13.02
N VAL A 11 28.74 9.24 -12.86
CA VAL A 11 27.45 9.92 -12.67
C VAL A 11 27.41 10.74 -11.39
N LEU A 12 28.09 10.29 -10.33
CA LEU A 12 28.10 11.00 -9.06
C LEU A 12 29.41 11.74 -8.80
N SER A 13 30.21 11.93 -9.84
CA SER A 13 31.51 12.55 -9.66
C SER A 13 31.38 13.91 -9.00
N GLY A 14 32.19 14.14 -7.97
CA GLY A 14 32.20 15.40 -7.26
C GLY A 14 31.20 15.51 -6.14
N ARG A 15 30.27 14.56 -6.03
CA ARG A 15 29.30 14.60 -4.94
C ARG A 15 29.92 14.05 -3.67
N VAL A 16 29.61 14.68 -2.55
CA VAL A 16 30.09 14.25 -1.24
C VAL A 16 28.97 13.51 -0.53
N ALA A 17 29.25 12.26 -0.19
CA ALA A 17 28.29 11.36 0.45
C ALA A 17 28.75 10.98 1.85
N VAL A 18 27.80 10.92 2.77
CA VAL A 18 28.00 10.35 4.09
C VAL A 18 27.09 9.14 4.20
N VAL A 19 27.66 7.99 4.55
CA VAL A 19 26.89 6.77 4.81
C VAL A 19 27.09 6.41 6.27
N THR A 20 26.02 6.43 7.06
CA THR A 20 26.14 6.05 8.46
C THR A 20 26.21 4.53 8.59
N GLY A 21 26.98 4.08 9.58
CA GLY A 21 27.10 2.65 9.84
C GLY A 21 27.60 1.86 8.66
N SER A 22 28.73 2.27 8.08
CA SER A 22 29.11 1.84 6.74
C SER A 22 30.43 1.06 6.68
N ARG A 23 30.94 0.55 7.79
CA ARG A 23 32.18 -0.22 7.69
C ARG A 23 31.95 -1.70 7.48
N LYS A 24 30.70 -2.16 7.51
CA LYS A 24 30.38 -3.55 7.16
C LYS A 24 28.95 -3.60 6.66
N GLY A 25 28.55 -4.78 6.20
CA GLY A 25 27.18 -5.03 5.82
C GLY A 25 26.72 -4.15 4.66
N ILE A 26 25.43 -3.81 4.70
CA ILE A 26 24.80 -3.05 3.62
C ILE A 26 25.45 -1.67 3.48
N GLY A 27 25.77 -1.03 4.61
CA GLY A 27 26.39 0.29 4.54
C GLY A 27 27.68 0.30 3.74
N LEU A 28 28.52 -0.72 3.94
CA LEU A 28 29.75 -0.81 3.15
C LEU A 28 29.44 -1.05 1.67
N GLY A 29 28.46 -1.91 1.38
CA GLY A 29 28.10 -2.11 -0.01
C GLY A 29 27.63 -0.82 -0.66
N ILE A 30 26.88 -0.01 0.10
CA ILE A 30 26.42 1.28 -0.43
C ILE A 30 27.61 2.21 -0.64
N ALA A 31 28.49 2.32 0.36
CA ALA A 31 29.65 3.19 0.22
C ALA A 31 30.47 2.80 -1.00
N MET A 32 30.70 1.49 -1.18
N MET A 32 30.70 1.51 -1.20
CA MET A 32 31.47 1.01 -2.31
CA MET A 32 31.51 1.10 -2.34
C MET A 32 30.81 1.41 -3.63
C MET A 32 30.82 1.39 -3.66
N ARG A 33 29.50 1.19 -3.73
CA ARG A 33 28.80 1.45 -4.98
C ARG A 33 28.76 2.95 -5.28
N LEU A 34 28.59 3.78 -4.24
CA LEU A 34 28.62 5.22 -4.46
C LEU A 34 29.99 5.68 -4.95
N ALA A 35 31.07 5.13 -4.37
CA ALA A 35 32.41 5.49 -4.82
C ALA A 35 32.66 5.00 -6.24
N MET A 36 32.22 3.78 -6.55
CA MET A 36 32.33 3.28 -7.92
C MET A 36 31.67 4.23 -8.90
N ALA A 37 30.57 4.87 -8.49
CA ALA A 37 29.84 5.81 -9.31
C ALA A 37 30.43 7.22 -9.28
N GLY A 38 31.53 7.43 -8.57
CA GLY A 38 32.26 8.69 -8.60
C GLY A 38 32.13 9.56 -7.37
N ALA A 39 31.35 9.15 -6.38
CA ALA A 39 31.15 9.97 -5.19
C ALA A 39 32.34 9.86 -4.24
N ASP A 40 32.68 10.98 -3.61
CA ASP A 40 33.49 10.96 -2.39
C ASP A 40 32.63 10.46 -1.23
N VAL A 41 33.23 9.69 -0.31
CA VAL A 41 32.45 8.99 0.70
C VAL A 41 33.10 9.12 2.09
N VAL A 42 32.27 9.42 3.09
CA VAL A 42 32.66 9.36 4.49
C VAL A 42 32.02 8.11 5.11
N LEU A 43 32.85 7.25 5.68
CA LEU A 43 32.44 6.05 6.40
C LEU A 43 32.23 6.38 7.88
N ASN A 44 31.48 5.51 8.57
CA ASN A 44 31.11 5.81 9.94
C ASN A 44 30.74 4.55 10.70
N GLY A 45 31.15 4.51 11.97
CA GLY A 45 30.69 3.52 12.92
C GLY A 45 30.82 4.13 14.31
N ARG A 46 30.45 3.33 15.32
CA ARG A 46 30.38 3.89 16.67
C ARG A 46 31.75 4.31 17.18
N ARG A 47 32.74 3.43 17.09
CA ARG A 47 34.05 3.65 17.68
C ARG A 47 35.14 3.32 16.68
N GLN A 48 36.29 3.99 16.86
CA GLN A 48 37.44 3.71 16.00
C GLN A 48 37.82 2.24 16.10
N SER A 49 38.24 1.69 14.98
CA SER A 49 38.59 0.27 14.85
C SER A 49 39.95 0.13 14.19
N PRO A 50 40.73 -0.88 14.58
CA PRO A 50 42.00 -1.12 13.89
C PRO A 50 41.81 -1.49 12.42
N GLU A 51 40.60 -1.91 12.03
CA GLU A 51 40.30 -2.25 10.65
C GLU A 51 39.98 -1.04 9.78
N ASP A 52 39.94 0.17 10.36
CA ASP A 52 39.41 1.31 9.61
C ASP A 52 40.23 1.58 8.35
N SER A 53 41.56 1.53 8.44
CA SER A 53 42.38 1.86 7.28
C SER A 53 42.14 0.88 6.13
N ALA A 54 41.96 -0.41 6.45
CA ALA A 54 41.70 -1.39 5.40
C ALA A 54 40.34 -1.15 4.74
N ILE A 55 39.35 -0.75 5.54
CA ILE A 55 38.03 -0.46 4.99
C ILE A 55 38.08 0.77 4.10
N VAL A 56 38.85 1.79 4.52
CA VAL A 56 39.03 2.98 3.68
C VAL A 56 39.68 2.61 2.36
N GLU A 57 40.70 1.75 2.39
CA GLU A 57 41.38 1.34 1.16
C GLU A 57 40.41 0.62 0.22
N LYS A 58 39.53 -0.20 0.77
CA LYS A 58 38.52 -0.90 -0.02
C LYS A 58 37.66 0.10 -0.80
N VAL A 59 37.16 1.12 -0.11
CA VAL A 59 36.28 2.09 -0.75
C VAL A 59 37.06 3.03 -1.64
N ALA A 60 38.31 3.34 -1.29
CA ALA A 60 39.15 4.25 -2.07
C ALA A 60 39.68 3.62 -3.35
N ALA A 61 39.40 2.34 -3.59
CA ALA A 61 39.89 1.67 -4.78
C ALA A 61 39.30 2.24 -6.06
N TYR A 62 38.26 3.06 -5.95
CA TYR A 62 37.59 3.59 -7.13
C TYR A 62 37.97 5.03 -7.42
N GLY A 63 39.06 5.50 -6.81
CA GLY A 63 39.68 6.74 -7.23
C GLY A 63 39.02 8.01 -6.74
N THR A 64 38.18 7.95 -5.72
CA THR A 64 37.56 9.12 -5.14
C THR A 64 38.15 9.39 -3.76
N ARG A 65 37.70 10.49 -3.14
CA ARG A 65 38.15 10.82 -1.80
C ARG A 65 37.31 10.08 -0.77
N VAL A 66 37.97 9.59 0.27
CA VAL A 66 37.34 8.76 1.30
C VAL A 66 37.82 9.21 2.66
N ARG A 67 36.92 9.23 3.63
CA ARG A 67 37.25 9.53 5.01
C ARG A 67 36.48 8.57 5.91
N CYS A 68 36.87 8.54 7.18
CA CYS A 68 36.23 7.69 8.17
C CYS A 68 36.12 8.47 9.47
N PHE A 69 34.92 8.46 10.07
CA PHE A 69 34.68 9.24 11.29
C PHE A 69 33.81 8.44 12.25
N ALA A 70 34.33 8.19 13.45
CA ALA A 70 33.59 7.45 14.46
C ALA A 70 32.60 8.39 15.15
N ALA A 71 31.35 7.95 15.21
CA ALA A 71 30.27 8.72 15.81
C ALA A 71 29.11 7.79 16.09
N ASN A 72 28.60 7.81 17.32
CA ASN A 72 27.43 7.03 17.67
C ASN A 72 26.20 7.81 17.22
N MET A 73 25.45 7.26 16.26
CA MET A 73 24.35 8.01 15.67
C MET A 73 23.19 8.24 16.64
N LYS A 74 23.18 7.57 17.80
CA LYS A 74 22.14 7.80 18.80
C LYS A 74 22.38 9.07 19.63
N ASP A 75 23.53 9.71 19.44
CA ASP A 75 23.93 10.92 20.18
C ASP A 75 23.91 12.07 19.19
N ARG A 76 22.91 12.95 19.31
CA ARG A 76 22.77 14.03 18.33
C ARG A 76 24.03 14.86 18.20
N ALA A 77 24.78 15.03 19.30
CA ALA A 77 26.01 15.81 19.22
C ALA A 77 27.07 15.12 18.36
N GLN A 78 27.11 13.79 18.37
CA GLN A 78 28.05 13.10 17.51
C GLN A 78 27.58 13.08 16.07
N VAL A 79 26.27 13.06 15.83
CA VAL A 79 25.77 13.23 14.46
C VAL A 79 26.24 14.56 13.90
N GLU A 80 26.10 15.63 14.69
CA GLU A 80 26.54 16.94 14.24
C GLU A 80 28.04 16.95 13.98
N ALA A 81 28.81 16.28 14.83
CA ALA A 81 30.26 16.24 14.64
C ALA A 81 30.62 15.54 13.34
N LEU A 82 29.90 14.48 12.98
CA LEU A 82 30.12 13.79 11.72
C LEU A 82 29.89 14.73 10.54
N ILE A 83 28.81 15.51 10.59
CA ILE A 83 28.52 16.43 9.49
C ILE A 83 29.57 17.51 9.39
N LYS A 84 29.92 18.13 10.53
CA LYS A 84 30.93 19.19 10.49
C LYS A 84 32.29 18.65 10.04
N PHE A 85 32.63 17.42 10.46
CA PHE A 85 33.86 16.80 10.00
C PHE A 85 33.86 16.66 8.48
N THR A 86 32.74 16.19 7.92
CA THR A 86 32.65 16.06 6.48
C THR A 86 32.78 17.41 5.80
N GLU A 87 32.11 18.42 6.33
CA GLU A 87 32.19 19.76 5.76
C GLU A 87 33.62 20.29 5.78
N LYS A 88 34.38 19.98 6.83
CA LYS A 88 35.77 20.43 6.90
C LYS A 88 36.65 19.65 5.93
N GLU A 89 36.49 18.34 5.84
CA GLU A 89 37.45 17.53 5.12
C GLU A 89 37.18 17.49 3.63
N LEU A 90 35.91 17.35 3.23
CA LEU A 90 35.55 17.15 1.84
C LEU A 90 34.65 18.23 1.27
N GLY A 91 33.78 18.83 2.09
CA GLY A 91 32.86 19.87 1.67
C GLY A 91 31.44 19.54 2.05
N ALA A 92 30.50 20.32 1.50
CA ALA A 92 29.10 20.19 1.87
C ALA A 92 28.59 18.78 1.66
N VAL A 93 27.80 18.29 2.61
CA VAL A 93 27.19 16.97 2.50
C VAL A 93 26.07 17.04 1.48
N GLU A 94 26.22 16.32 0.37
CA GLU A 94 25.23 16.37 -0.69
C GLU A 94 24.36 15.12 -0.75
N ILE A 95 24.91 13.97 -0.39
CA ILE A 95 24.19 12.70 -0.32
C ILE A 95 24.29 12.20 1.11
N LEU A 96 23.15 12.07 1.79
CA LEU A 96 23.08 11.51 3.13
C LEU A 96 22.39 10.16 3.04
N VAL A 97 23.10 9.09 3.43
CA VAL A 97 22.51 7.76 3.52
C VAL A 97 22.40 7.39 4.99
N ASN A 98 21.16 7.29 5.47
CA ASN A 98 20.86 6.90 6.84
C ASN A 98 20.70 5.39 6.84
N ASN A 99 21.77 4.70 7.24
CA ASN A 99 21.84 3.25 7.13
C ASN A 99 22.05 2.54 8.46
N ALA A 100 22.75 3.14 9.41
CA ALA A 100 23.06 2.46 10.65
C ALA A 100 21.78 2.00 11.33
N GLY A 101 21.76 0.76 11.77
CA GLY A 101 20.55 0.19 12.34
C GLY A 101 20.86 -1.08 13.10
N ILE A 102 19.95 -1.42 14.01
CA ILE A 102 20.08 -2.61 14.84
C ILE A 102 18.76 -3.37 14.89
N GLN A 103 18.87 -4.62 15.36
CA GLN A 103 17.77 -5.56 15.46
C GLN A 103 17.80 -6.22 16.82
N HIS A 104 16.61 -6.54 17.33
CA HIS A 104 16.46 -7.38 18.51
C HIS A 104 15.18 -8.19 18.36
N VAL A 105 15.30 -9.51 18.44
CA VAL A 105 14.19 -10.42 18.21
C VAL A 105 13.63 -10.85 19.55
N SER A 106 12.34 -10.58 19.76
CA SER A 106 11.62 -10.93 20.98
C SER A 106 10.12 -10.83 20.73
N PRO A 107 9.33 -11.72 21.34
CA PRO A 107 7.88 -11.48 21.38
C PRO A 107 7.59 -10.16 22.09
N VAL A 108 6.41 -9.61 21.81
CA VAL A 108 6.08 -8.29 22.33
C VAL A 108 6.03 -8.31 23.87
N GLU A 109 5.52 -9.39 24.45
CA GLU A 109 5.28 -9.41 25.89
C GLU A 109 6.57 -9.24 26.69
N THR A 110 7.67 -9.79 26.18
CA THR A 110 8.94 -9.77 26.90
C THR A 110 9.96 -8.86 26.24
N PHE A 111 9.54 -8.04 25.27
CA PHE A 111 10.46 -7.16 24.55
C PHE A 111 11.03 -6.17 25.55
N PRO A 112 12.36 -6.11 25.74
CA PRO A 112 12.90 -5.23 26.78
C PRO A 112 12.65 -3.77 26.46
N SER A 113 12.25 -3.01 27.48
CA SER A 113 11.95 -1.60 27.28
C SER A 113 13.15 -0.86 26.70
N ASP A 114 14.32 -1.13 27.24
CA ASP A 114 15.48 -0.43 26.77
C ASP A 114 15.79 -0.76 25.34
N LYS A 115 15.57 -2.00 24.95
CA LYS A 115 15.83 -2.39 23.57
C LYS A 115 14.87 -1.72 22.60
N TRP A 116 13.62 -1.59 22.98
CA TRP A 116 12.64 -0.92 22.18
C TRP A 116 13.13 0.49 21.97
N ASP A 117 13.51 1.15 23.05
CA ASP A 117 13.93 2.55 22.95
C ASP A 117 15.16 2.69 22.07
N GLU A 118 16.12 1.78 22.21
CA GLU A 118 17.33 1.85 21.42
C GLU A 118 17.04 1.71 19.93
N ILE A 119 16.15 0.79 19.58
CA ILE A 119 15.81 0.57 18.17
C ILE A 119 15.11 1.79 17.60
N ILE A 120 14.17 2.36 18.34
CA ILE A 120 13.52 3.58 17.87
C ILE A 120 14.55 4.69 17.71
N ALA A 121 15.46 4.82 18.69
CA ALA A 121 16.44 5.89 18.67
C ALA A 121 17.36 5.80 17.46
N LEU A 122 17.89 4.61 17.17
CA LEU A 122 18.82 4.49 16.06
C LEU A 122 18.12 4.37 14.72
N ASN A 123 17.13 3.48 14.62
CA ASN A 123 16.54 3.14 13.33
C ASN A 123 15.59 4.21 12.81
N LEU A 124 15.08 5.08 13.67
CA LEU A 124 14.21 6.16 13.24
C LEU A 124 14.73 7.55 13.64
N THR A 125 14.93 7.80 14.92
CA THR A 125 15.18 9.18 15.34
C THR A 125 16.53 9.68 14.84
N SER A 126 17.53 8.81 14.75
CA SER A 126 18.85 9.25 14.27
C SER A 126 18.75 9.80 12.85
N ALA A 127 17.91 9.20 12.03
CA ALA A 127 17.74 9.66 10.65
C ALA A 127 17.11 11.05 10.61
N PHE A 128 16.16 11.31 11.51
CA PHE A 128 15.59 12.66 11.63
C PHE A 128 16.69 13.65 12.01
N HIS A 129 17.50 13.31 13.02
CA HIS A 129 18.55 14.23 13.44
C HIS A 129 19.51 14.53 12.29
N ALA A 130 19.98 13.49 11.60
CA ALA A 130 20.94 13.73 10.52
C ALA A 130 20.31 14.53 9.39
N THR A 131 19.05 14.23 9.04
CA THR A 131 18.36 14.96 7.98
C THR A 131 18.19 16.42 8.35
N GLN A 132 17.78 16.68 9.60
CA GLN A 132 17.61 18.05 10.05
C GLN A 132 18.90 18.85 9.94
N LEU A 133 20.04 18.20 10.23
CA LEU A 133 21.32 18.88 10.21
C LEU A 133 21.84 19.11 8.79
N CYS A 134 21.44 18.29 7.84
CA CYS A 134 21.95 18.38 6.47
C CYS A 134 21.09 19.22 5.56
N LEU A 135 19.79 19.32 5.84
CA LEU A 135 18.89 20.00 4.93
C LEU A 135 19.25 21.46 4.66
N PRO A 136 19.65 22.28 5.65
CA PRO A 136 19.88 23.70 5.31
C PRO A 136 20.94 23.92 4.25
N SER A 137 22.06 23.19 4.33
CA SER A 137 23.09 23.31 3.30
C SER A 137 22.56 22.84 1.95
N MET A 138 21.83 21.74 1.93
CA MET A 138 21.26 21.24 0.69
C MET A 138 20.32 22.27 0.05
N ARG A 139 19.48 22.92 0.87
CA ARG A 139 18.59 23.93 0.32
C ARG A 139 19.36 25.12 -0.22
N GLN A 140 20.41 25.54 0.50
CA GLN A 140 21.20 26.67 0.05
C GLN A 140 21.87 26.39 -1.29
N ARG A 141 22.29 25.15 -1.52
CA ARG A 141 22.97 24.79 -2.76
C ARG A 141 22.00 24.33 -3.86
N GLY A 142 20.74 24.08 -3.53
CA GLY A 142 19.78 23.68 -4.53
C GLY A 142 19.85 22.24 -4.98
N TRP A 143 20.50 21.36 -4.20
CA TRP A 143 20.63 19.97 -4.58
C TRP A 143 20.79 19.13 -3.33
N GLY A 144 20.22 17.92 -3.35
CA GLY A 144 20.51 16.98 -2.29
C GLY A 144 19.85 15.63 -2.52
N ARG A 145 20.37 14.64 -1.81
CA ARG A 145 19.80 13.30 -1.78
C ARG A 145 19.79 12.86 -0.32
N ILE A 146 18.63 12.53 0.19
CA ILE A 146 18.52 11.81 1.45
C ILE A 146 17.97 10.43 1.12
N ILE A 147 18.74 9.40 1.45
CA ILE A 147 18.42 8.02 1.13
C ILE A 147 18.36 7.28 2.46
N ASN A 148 17.16 6.83 2.81
CA ASN A 148 16.92 6.15 4.07
C ASN A 148 16.86 4.66 3.83
N ILE A 149 17.69 3.89 4.54
CA ILE A 149 17.69 2.44 4.40
C ILE A 149 16.64 1.93 5.39
N ALA A 150 15.45 1.64 4.87
CA ALA A 150 14.31 1.08 5.58
C ALA A 150 14.48 -0.43 5.45
N SER A 151 13.37 -1.12 5.21
CA SER A 151 13.32 -2.57 5.10
C SER A 151 11.95 -2.95 4.56
N VAL A 152 11.83 -4.17 4.06
CA VAL A 152 10.51 -4.75 3.84
C VAL A 152 9.69 -4.64 5.13
N GLN A 153 10.38 -4.68 6.28
CA GLN A 153 9.76 -4.61 7.60
C GLN A 153 9.19 -3.22 7.88
N GLY A 154 9.42 -2.24 7.00
CA GLY A 154 8.74 -0.97 7.04
C GLY A 154 7.45 -0.92 6.27
N LEU A 155 7.14 -2.00 5.54
CA LEU A 155 5.95 -2.12 4.72
C LEU A 155 5.01 -3.24 5.18
N VAL A 156 5.53 -4.28 5.83
CA VAL A 156 4.75 -5.36 6.38
C VAL A 156 5.33 -5.70 7.76
N GLY A 157 4.59 -6.49 8.52
CA GLY A 157 5.06 -6.94 9.82
C GLY A 157 5.63 -8.34 9.77
N SER A 158 6.48 -8.63 10.75
CA SER A 158 7.03 -9.96 10.98
C SER A 158 7.03 -10.25 12.48
N MET A 159 6.73 -11.49 12.84
CA MET A 159 6.67 -11.86 14.25
C MET A 159 7.99 -11.60 14.95
N ASN A 160 7.89 -11.18 16.22
CA ASN A 160 9.02 -10.98 17.13
C ASN A 160 9.92 -9.83 16.73
N LYS A 161 9.45 -8.94 15.88
CA LYS A 161 10.24 -7.78 15.45
C LYS A 161 9.45 -6.49 15.60
N SER A 162 8.74 -6.35 16.72
CA SER A 162 7.80 -5.24 16.88
C SER A 162 8.51 -3.88 16.84
N ALA A 163 9.58 -3.72 17.63
CA ALA A 163 10.27 -2.43 17.65
C ALA A 163 10.83 -2.10 16.28
N TYR A 164 11.41 -3.10 15.62
CA TYR A 164 12.07 -2.87 14.35
C TYR A 164 11.07 -2.54 13.26
N CYS A 165 9.97 -3.29 13.19
CA CYS A 165 8.94 -2.96 12.21
C CYS A 165 8.35 -1.58 12.49
N ALA A 166 8.15 -1.24 13.77
CA ALA A 166 7.65 0.09 14.07
C ALA A 166 8.63 1.17 13.61
N ALA A 167 9.91 0.99 13.92
CA ALA A 167 10.88 2.02 13.54
C ALA A 167 10.99 2.12 12.02
N LYS A 168 10.99 0.98 11.32
CA LYS A 168 11.17 1.01 9.87
C LYS A 168 9.94 1.58 9.17
N HIS A 169 8.73 1.25 9.66
CA HIS A 169 7.52 1.90 9.15
C HIS A 169 7.63 3.41 9.36
N GLY A 170 8.05 3.80 10.57
CA GLY A 170 8.21 5.22 10.86
C GLY A 170 9.21 5.90 9.94
N LEU A 171 10.30 5.21 9.61
CA LEU A 171 11.31 5.80 8.74
C LEU A 171 10.72 6.08 7.36
N ILE A 172 9.86 5.19 6.88
CA ILE A 172 9.21 5.39 5.59
C ILE A 172 8.24 6.57 5.67
N GLY A 173 7.49 6.69 6.77
CA GLY A 173 6.63 7.84 6.93
C GLY A 173 7.41 9.14 6.96
N PHE A 174 8.54 9.14 7.67
CA PHE A 174 9.42 10.31 7.71
C PHE A 174 9.93 10.67 6.33
N THR A 175 10.31 9.64 5.55
CA THR A 175 10.77 9.84 4.18
C THR A 175 9.75 10.61 3.34
N LYS A 176 8.50 10.18 3.41
CA LYS A 176 7.44 10.85 2.66
C LYS A 176 7.37 12.34 3.01
N VAL A 177 7.39 12.66 4.31
CA VAL A 177 7.24 14.05 4.73
C VAL A 177 8.41 14.90 4.23
N VAL A 178 9.64 14.40 4.40
CA VAL A 178 10.78 15.18 3.95
C VAL A 178 10.70 15.42 2.46
N ALA A 179 10.29 14.40 1.70
CA ALA A 179 10.17 14.53 0.25
C ALA A 179 9.13 15.58 -0.12
N LEU A 180 8.00 15.59 0.59
CA LEU A 180 6.96 16.57 0.31
C LEU A 180 7.40 17.98 0.67
N GLU A 181 8.13 18.14 1.78
CA GLU A 181 8.60 19.46 2.18
C GLU A 181 9.66 20.00 1.22
N THR A 182 10.30 19.14 0.43
CA THR A 182 11.35 19.53 -0.50
C THR A 182 10.95 19.34 -1.97
N ALA A 183 9.67 19.11 -2.25
CA ALA A 183 9.28 18.61 -3.57
C ALA A 183 9.56 19.60 -4.70
N THR A 184 9.55 20.91 -4.44
CA THR A 184 9.79 21.89 -5.48
C THR A 184 11.26 22.30 -5.58
N THR A 185 12.16 21.57 -4.92
CA THR A 185 13.58 21.84 -4.90
C THR A 185 14.33 20.71 -5.58
N GLY A 186 15.64 20.88 -5.73
CA GLY A 186 16.49 19.82 -6.24
C GLY A 186 16.92 18.80 -5.21
N ILE A 187 16.23 18.77 -4.06
CA ILE A 187 16.48 17.80 -3.01
C ILE A 187 15.41 16.72 -3.08
N THR A 188 15.82 15.45 -3.11
CA THR A 188 14.87 14.37 -2.98
C THR A 188 15.15 13.56 -1.72
N CYS A 189 14.12 12.89 -1.23
CA CYS A 189 14.25 11.96 -0.10
C CYS A 189 13.44 10.73 -0.43
N ASN A 190 14.08 9.56 -0.35
CA ASN A 190 13.46 8.28 -0.68
C ASN A 190 13.98 7.21 0.26
N ALA A 191 13.33 6.06 0.26
CA ALA A 191 13.77 4.94 1.08
C ALA A 191 14.06 3.74 0.19
N ILE A 192 15.06 2.96 0.58
CA ILE A 192 15.31 1.65 -0.01
C ILE A 192 14.82 0.62 0.98
N CYS A 193 14.08 -0.38 0.50
CA CYS A 193 13.54 -1.43 1.36
C CYS A 193 14.11 -2.77 0.93
N PRO A 194 15.26 -3.17 1.47
CA PRO A 194 15.77 -4.51 1.18
C PRO A 194 14.95 -5.57 1.87
N GLY A 195 14.87 -6.73 1.22
CA GLY A 195 14.58 -7.98 1.90
C GLY A 195 15.86 -8.49 2.54
N TYR A 196 15.89 -9.78 2.80
CA TYR A 196 17.01 -10.35 3.53
C TYR A 196 18.31 -10.28 2.73
N VAL A 197 19.37 -9.80 3.39
CA VAL A 197 20.73 -9.68 2.86
C VAL A 197 21.63 -10.37 3.88
N TYR A 198 22.61 -11.15 3.41
CA TYR A 198 23.38 -11.97 4.36
C TYR A 198 24.54 -11.17 4.94
N THR A 199 24.19 -10.27 5.83
CA THR A 199 25.09 -9.47 6.64
C THR A 199 25.20 -10.07 8.03
N PRO A 200 26.09 -9.53 8.87
CA PRO A 200 26.12 -10.01 10.26
C PRO A 200 24.77 -9.87 10.97
N LEU A 201 23.97 -8.86 10.64
CA LEU A 201 22.67 -8.71 11.30
C LEU A 201 21.79 -9.93 11.03
N VAL A 202 21.81 -10.46 9.81
CA VAL A 202 21.00 -11.63 9.48
C VAL A 202 21.70 -12.92 9.90
N GLU A 203 23.01 -12.99 9.70
CA GLU A 203 23.75 -14.20 10.06
C GLU A 203 23.58 -14.52 11.53
N GLU A 204 23.63 -13.50 12.38
CA GLU A 204 23.44 -13.74 13.80
C GLU A 204 22.05 -14.31 14.08
N GLN A 205 21.03 -13.83 13.36
CA GLN A 205 19.69 -14.38 13.53
C GLN A 205 19.63 -15.84 13.08
N ILE A 206 20.28 -16.15 11.96
CA ILE A 206 20.23 -17.52 11.44
C ILE A 206 21.00 -18.46 12.34
N LYS A 207 22.16 -18.01 12.84
CA LYS A 207 22.92 -18.82 13.79
C LYS A 207 22.07 -19.15 15.02
N ALA A 208 21.34 -18.16 15.53
CA ALA A 208 20.52 -18.37 16.72
C ALA A 208 19.39 -19.35 16.45
N VAL A 209 18.74 -19.26 15.30
CA VAL A 209 17.68 -20.24 15.03
C VAL A 209 18.31 -21.61 14.72
N ALA A 210 19.50 -21.63 14.12
CA ALA A 210 20.14 -22.90 13.85
C ALA A 210 20.40 -23.67 15.14
N GLU A 211 20.89 -22.99 16.18
CA GLU A 211 21.18 -23.66 17.44
C GLU A 211 19.90 -24.01 18.18
N ALA A 212 18.89 -23.14 18.10
CA ALA A 212 17.68 -23.32 18.89
C ALA A 212 16.73 -24.35 18.27
N LYS A 213 16.66 -24.43 16.95
CA LYS A 213 15.66 -25.25 16.30
C LYS A 213 16.20 -26.27 15.31
N TYR A 214 17.41 -26.10 14.77
CA TYR A 214 17.85 -26.97 13.68
C TYR A 214 19.15 -27.70 14.01
N GLY A 215 19.42 -27.95 15.29
CA GLY A 215 20.51 -28.84 15.64
C GLY A 215 21.85 -28.34 15.18
N GLY A 216 21.98 -27.02 15.03
CA GLY A 216 23.18 -26.42 14.54
C GLY A 216 23.34 -26.46 13.03
N ASP A 217 22.31 -26.89 12.31
CA ASP A 217 22.41 -27.08 10.86
C ASP A 217 22.17 -25.74 10.19
N MET A 218 23.25 -25.04 9.84
CA MET A 218 23.11 -23.71 9.25
C MET A 218 22.43 -23.77 7.88
N GLU A 219 22.67 -24.83 7.10
CA GLU A 219 22.01 -24.95 5.81
C GLU A 219 20.49 -25.03 5.98
N ALA A 220 20.03 -25.87 6.92
CA ALA A 220 18.60 -25.99 7.17
C ALA A 220 18.02 -24.68 7.73
N ALA A 221 18.73 -24.05 8.65
CA ALA A 221 18.28 -22.78 9.20
C ALA A 221 18.19 -21.71 8.12
N THR A 222 19.19 -21.65 7.23
CA THR A 222 19.17 -20.64 6.18
C THR A 222 18.03 -20.87 5.21
N GLN A 223 17.81 -22.14 4.81
CA GLN A 223 16.70 -22.48 3.93
C GLN A 223 15.38 -22.02 4.52
N ALA A 224 15.15 -22.35 5.79
CA ALA A 224 13.89 -22.00 6.43
C ALA A 224 13.75 -20.49 6.59
N PHE A 225 14.83 -19.82 7.01
CA PHE A 225 14.80 -18.38 7.23
C PHE A 225 14.44 -17.65 5.94
N LEU A 226 15.15 -17.98 4.86
CA LEU A 226 14.88 -17.34 3.58
C LEU A 226 13.50 -17.70 3.04
N CYS A 227 13.20 -18.99 3.01
CA CYS A 227 12.05 -19.42 2.24
C CYS A 227 10.73 -19.11 2.97
N GLU A 228 10.78 -18.78 4.27
CA GLU A 228 9.58 -18.28 4.94
C GLU A 228 9.09 -16.96 4.35
N LYS A 229 10.01 -16.13 3.86
CA LYS A 229 9.69 -14.74 3.53
C LYS A 229 10.01 -14.33 2.10
N GLN A 230 11.00 -14.95 1.47
CA GLN A 230 11.62 -14.39 0.28
C GLN A 230 11.45 -15.35 -0.89
N PRO A 231 10.49 -15.07 -1.79
CA PRO A 231 10.15 -16.04 -2.85
C PRO A 231 11.30 -16.43 -3.76
N ALA A 232 12.27 -15.54 -3.97
CA ALA A 232 13.42 -15.88 -4.79
C ALA A 232 14.26 -17.01 -4.20
N LYS A 233 14.12 -17.29 -2.90
CA LYS A 233 14.88 -18.34 -2.25
C LYS A 233 16.38 -18.10 -2.39
N ALA A 234 16.74 -16.82 -2.38
CA ALA A 234 18.10 -16.33 -2.51
C ALA A 234 18.17 -15.00 -1.78
N PHE A 235 19.35 -14.66 -1.28
CA PHE A 235 19.55 -13.39 -0.60
C PHE A 235 19.73 -12.26 -1.61
N VAL A 236 19.21 -11.09 -1.27
CA VAL A 236 19.65 -9.85 -1.90
C VAL A 236 21.09 -9.59 -1.46
N THR A 237 21.85 -8.89 -2.29
CA THR A 237 23.26 -8.66 -1.99
C THR A 237 23.48 -7.20 -1.59
N VAL A 238 24.58 -6.97 -0.88
CA VAL A 238 24.90 -5.59 -0.49
C VAL A 238 25.17 -4.76 -1.73
N GLU A 239 25.74 -5.37 -2.77
CA GLU A 239 25.99 -4.65 -4.02
C GLU A 239 24.69 -4.18 -4.66
N GLN A 240 23.66 -5.03 -4.65
CA GLN A 240 22.36 -4.65 -5.19
C GLN A 240 21.76 -3.49 -4.40
N VAL A 241 21.86 -3.51 -3.07
CA VAL A 241 21.34 -2.37 -2.33
C VAL A 241 22.12 -1.12 -2.70
N GLY A 242 23.45 -1.26 -2.85
CA GLY A 242 24.26 -0.14 -3.30
C GLY A 242 23.82 0.38 -4.66
N ASP A 243 23.49 -0.53 -5.58
CA ASP A 243 23.07 -0.11 -6.92
C ASP A 243 21.78 0.70 -6.85
N ALA A 244 20.86 0.31 -5.97
CA ALA A 244 19.63 1.08 -5.79
C ALA A 244 19.92 2.47 -5.24
N ALA A 245 20.90 2.57 -4.34
CA ALA A 245 21.27 3.88 -3.81
C ALA A 245 21.87 4.75 -4.90
N VAL A 246 22.71 4.16 -5.75
CA VAL A 246 23.28 4.91 -6.87
C VAL A 246 22.17 5.40 -7.78
N PHE A 247 21.20 4.55 -8.08
CA PHE A 247 20.09 4.95 -8.93
C PHE A 247 19.34 6.14 -8.33
N LEU A 248 19.03 6.08 -7.04
CA LEU A 248 18.32 7.18 -6.41
C LEU A 248 19.15 8.45 -6.40
N ALA A 249 20.47 8.33 -6.30
CA ALA A 249 21.33 9.50 -6.27
C ALA A 249 21.55 10.13 -7.64
N SER A 250 21.18 9.45 -8.73
CA SER A 250 21.53 9.86 -10.08
C SER A 250 20.49 10.83 -10.64
N PRO A 251 20.82 11.53 -11.74
CA PRO A 251 19.88 12.53 -12.29
C PRO A 251 18.57 11.94 -12.77
N GLY A 252 18.58 10.67 -13.18
CA GLY A 252 17.37 10.03 -13.62
C GLY A 252 16.33 9.94 -12.53
N ALA A 253 16.73 10.13 -11.27
CA ALA A 253 15.86 10.08 -10.12
C ALA A 253 15.52 11.47 -9.58
N ASP A 254 15.72 12.52 -10.39
CA ASP A 254 15.45 13.87 -9.92
C ASP A 254 14.00 14.04 -9.50
N MET A 255 13.08 13.29 -10.10
CA MET A 255 11.66 13.39 -9.82
C MET A 255 11.12 12.15 -9.11
N ILE A 256 12.01 11.32 -8.58
CA ILE A 256 11.63 10.25 -7.66
C ILE A 256 11.66 10.86 -6.27
N ARG A 257 10.49 10.95 -5.63
CA ARG A 257 10.35 11.68 -4.39
C ARG A 257 9.37 11.00 -3.45
N GLY A 258 9.85 10.73 -2.24
CA GLY A 258 9.01 10.18 -1.20
C GLY A 258 8.59 8.75 -1.40
N THR A 259 9.35 7.98 -2.15
CA THR A 259 8.93 6.63 -2.48
C THR A 259 9.89 5.61 -1.89
N THR A 260 9.50 4.35 -2.04
CA THR A 260 10.28 3.19 -1.64
C THR A 260 10.77 2.44 -2.87
N ILE A 261 12.06 2.08 -2.87
CA ILE A 261 12.65 1.21 -3.87
C ILE A 261 12.87 -0.13 -3.16
N THR A 262 12.00 -1.11 -3.42
CA THR A 262 11.99 -2.36 -2.70
C THR A 262 12.77 -3.40 -3.48
N VAL A 263 13.81 -3.94 -2.84
CA VAL A 263 14.77 -4.86 -3.45
C VAL A 263 14.73 -6.11 -2.56
N ASP A 264 13.80 -7.04 -2.87
CA ASP A 264 13.43 -8.02 -1.85
C ASP A 264 13.12 -9.41 -2.39
N GLY A 265 13.48 -9.73 -3.63
CA GLY A 265 13.22 -11.06 -4.12
C GLY A 265 11.77 -11.47 -4.13
N GLY A 266 10.86 -10.50 -4.12
CA GLY A 266 9.43 -10.77 -4.21
C GLY A 266 8.68 -10.78 -2.90
N TRP A 267 9.34 -10.48 -1.79
CA TRP A 267 8.72 -10.59 -0.47
C TRP A 267 7.40 -9.82 -0.37
N VAL A 268 7.39 -8.55 -0.74
CA VAL A 268 6.19 -7.72 -0.60
C VAL A 268 5.21 -7.93 -1.73
N ALA A 269 5.64 -8.52 -2.84
CA ALA A 269 4.71 -8.82 -3.93
C ALA A 269 3.69 -9.90 -3.55
N GLN A 270 3.99 -10.73 -2.56
CA GLN A 270 3.02 -11.74 -2.11
C GLN A 270 2.47 -11.39 -0.72
N LYS B 9 31.79 -1.98 -24.61
CA LYS B 9 30.54 -2.58 -24.21
C LYS B 9 29.81 -1.69 -23.22
N ARG B 10 28.49 -1.81 -23.20
CA ARG B 10 27.58 -1.07 -22.33
C ARG B 10 26.79 -2.10 -21.48
N VAL B 11 26.00 -1.65 -20.53
CA VAL B 11 25.41 -2.52 -19.51
C VAL B 11 24.37 -3.46 -20.11
N LEU B 12 23.65 -3.05 -21.15
CA LEU B 12 22.68 -3.92 -21.82
C LEU B 12 23.16 -4.39 -23.19
N SER B 13 24.46 -4.31 -23.46
CA SER B 13 24.98 -4.70 -24.76
C SER B 13 24.58 -6.14 -25.08
N GLY B 14 24.08 -6.36 -26.28
CA GLY B 14 23.69 -7.67 -26.72
C GLY B 14 22.25 -8.06 -26.42
N ARG B 15 21.58 -7.32 -25.53
CA ARG B 15 20.20 -7.63 -25.19
C ARG B 15 19.25 -7.10 -26.27
N VAL B 16 18.23 -7.90 -26.58
CA VAL B 16 17.20 -7.54 -27.54
C VAL B 16 15.96 -7.13 -26.77
N ALA B 17 15.50 -5.90 -27.03
CA ALA B 17 14.36 -5.32 -26.35
C ALA B 17 13.24 -5.05 -27.35
N VAL B 18 12.00 -5.25 -26.91
CA VAL B 18 10.80 -4.85 -27.64
C VAL B 18 10.07 -3.85 -26.76
N VAL B 19 9.76 -2.68 -27.29
CA VAL B 19 9.01 -1.66 -26.56
C VAL B 19 7.73 -1.39 -27.35
N THR B 20 6.58 -1.71 -26.77
CA THR B 20 5.33 -1.49 -27.49
C THR B 20 4.95 -0.02 -27.42
N GLY B 21 4.34 0.47 -28.50
CA GLY B 21 3.91 1.85 -28.56
C GLY B 21 5.05 2.83 -28.34
N SER B 22 6.09 2.77 -29.18
CA SER B 22 7.36 3.40 -28.82
C SER B 22 7.90 4.37 -29.86
N ARG B 23 7.07 4.86 -30.78
CA ARG B 23 7.52 5.87 -31.74
C ARG B 23 7.32 7.29 -31.25
N LYS B 24 6.70 7.46 -30.08
CA LYS B 24 6.44 8.77 -29.50
C LYS B 24 6.26 8.58 -28.00
N GLY B 25 6.23 9.71 -27.28
CA GLY B 25 5.91 9.71 -25.87
C GLY B 25 6.90 8.91 -25.02
N ILE B 26 6.37 8.33 -23.94
CA ILE B 26 7.19 7.62 -22.97
C ILE B 26 7.87 6.42 -23.63
N GLY B 27 7.16 5.74 -24.51
CA GLY B 27 7.74 4.58 -25.16
C GLY B 27 9.00 4.91 -25.94
N LEU B 28 9.01 6.06 -26.62
CA LEU B 28 10.21 6.45 -27.35
C LEU B 28 11.33 6.84 -26.39
N GLY B 29 10.99 7.48 -25.28
CA GLY B 29 11.99 7.76 -24.26
C GLY B 29 12.61 6.49 -23.71
N ILE B 30 11.80 5.47 -23.47
CA ILE B 30 12.33 4.19 -23.00
C ILE B 30 13.22 3.56 -24.07
N ALA B 31 12.75 3.55 -25.32
CA ALA B 31 13.54 2.96 -26.39
C ALA B 31 14.87 3.67 -26.55
N MET B 32 14.88 5.01 -26.45
CA MET B 32 16.13 5.75 -26.54
C MET B 32 17.08 5.36 -25.42
N ARG B 33 16.58 5.30 -24.18
CA ARG B 33 17.47 5.03 -23.06
C ARG B 33 18.01 3.60 -23.10
N LEU B 34 17.17 2.63 -23.51
CA LEU B 34 17.67 1.27 -23.63
C LEU B 34 18.77 1.17 -24.68
N ALA B 35 18.58 1.82 -25.84
CA ALA B 35 19.59 1.80 -26.89
C ALA B 35 20.87 2.50 -26.44
N MET B 36 20.73 3.64 -25.76
CA MET B 36 21.90 4.31 -25.20
C MET B 36 22.65 3.40 -24.25
N ALA B 37 21.93 2.50 -23.57
CA ALA B 37 22.53 1.55 -22.63
C ALA B 37 23.00 0.27 -23.32
N GLY B 38 22.89 0.18 -24.65
CA GLY B 38 23.49 -0.88 -25.41
C GLY B 38 22.55 -1.92 -25.99
N ALA B 39 21.25 -1.82 -25.71
CA ALA B 39 20.30 -2.81 -26.19
C ALA B 39 19.93 -2.60 -27.65
N ASP B 40 19.74 -3.70 -28.38
CA ASP B 40 18.99 -3.67 -29.63
C ASP B 40 17.51 -3.46 -29.32
N VAL B 41 16.81 -2.73 -30.19
CA VAL B 41 15.44 -2.32 -29.88
C VAL B 41 14.51 -2.47 -31.09
N VAL B 42 13.32 -3.02 -30.84
CA VAL B 42 12.24 -3.03 -31.82
C VAL B 42 11.18 -2.03 -31.36
N LEU B 43 10.89 -1.06 -32.23
CA LEU B 43 9.83 -0.08 -32.04
C LEU B 43 8.51 -0.61 -32.60
N ASN B 44 7.43 0.01 -32.18
CA ASN B 44 6.11 -0.51 -32.52
C ASN B 44 5.06 0.57 -32.38
N GLY B 45 4.09 0.54 -33.30
CA GLY B 45 2.88 1.28 -33.19
C GLY B 45 1.81 0.55 -33.97
N ARG B 46 0.62 1.12 -34.09
CA ARG B 46 -0.49 0.41 -34.70
C ARG B 46 -0.29 0.21 -36.20
N ARG B 47 0.10 1.26 -36.91
CA ARG B 47 0.18 1.24 -38.36
C ARG B 47 1.48 1.87 -38.81
N GLN B 48 1.98 1.39 -39.94
CA GLN B 48 3.18 1.99 -40.52
C GLN B 48 2.96 3.49 -40.71
N SER B 49 3.99 4.28 -40.45
CA SER B 49 3.90 5.72 -40.62
C SER B 49 5.06 6.23 -41.45
N PRO B 50 4.87 7.40 -42.11
CA PRO B 50 5.98 8.01 -42.86
C PRO B 50 7.20 8.29 -42.00
N GLU B 51 7.01 8.48 -40.70
CA GLU B 51 8.10 8.85 -39.81
C GLU B 51 8.92 7.66 -39.34
N ASP B 52 8.57 6.43 -39.74
CA ASP B 52 9.25 5.27 -39.19
C ASP B 52 10.75 5.32 -39.44
N SER B 53 11.16 5.68 -40.66
CA SER B 53 12.60 5.68 -40.95
C SER B 53 13.32 6.64 -40.03
N ALA B 54 12.78 7.86 -39.87
CA ALA B 54 13.46 8.86 -39.06
C ALA B 54 13.52 8.45 -37.60
N ILE B 55 12.47 7.82 -37.10
CA ILE B 55 12.46 7.43 -35.69
C ILE B 55 13.39 6.25 -35.45
N VAL B 56 13.39 5.27 -36.35
CA VAL B 56 14.36 4.16 -36.25
C VAL B 56 15.77 4.73 -36.21
N GLU B 57 16.08 5.66 -37.12
CA GLU B 57 17.44 6.18 -37.20
C GLU B 57 17.80 7.02 -35.98
N LYS B 58 16.82 7.72 -35.39
CA LYS B 58 17.10 8.42 -34.14
C LYS B 58 17.55 7.43 -33.07
N VAL B 59 16.83 6.33 -32.92
CA VAL B 59 17.17 5.35 -31.89
C VAL B 59 18.46 4.62 -32.26
N ALA B 60 18.65 4.36 -33.56
CA ALA B 60 19.87 3.69 -34.02
C ALA B 60 21.10 4.59 -33.93
N ALA B 61 20.92 5.87 -33.59
CA ALA B 61 22.06 6.77 -33.55
C ALA B 61 23.10 6.32 -32.53
N TYR B 62 22.74 5.41 -31.62
CA TYR B 62 23.62 4.98 -30.54
C TYR B 62 24.26 3.63 -30.80
N GLY B 63 24.30 3.18 -32.06
CA GLY B 63 25.14 2.08 -32.45
C GLY B 63 24.59 0.70 -32.21
N THR B 64 23.31 0.55 -31.94
CA THR B 64 22.70 -0.76 -31.77
C THR B 64 21.78 -1.05 -32.95
N ARG B 65 21.30 -2.28 -33.02
CA ARG B 65 20.36 -2.67 -34.06
C ARG B 65 18.95 -2.24 -33.68
N VAL B 66 18.28 -1.52 -34.58
CA VAL B 66 16.94 -1.00 -34.34
C VAL B 66 16.04 -1.42 -35.50
N ARG B 67 14.80 -1.78 -35.16
CA ARG B 67 13.81 -2.17 -36.14
C ARG B 67 12.50 -1.50 -35.76
N CYS B 68 11.52 -1.55 -36.66
CA CYS B 68 10.19 -1.05 -36.36
C CYS B 68 9.16 -1.97 -36.99
N PHE B 69 8.14 -2.36 -36.21
CA PHE B 69 7.13 -3.30 -36.66
C PHE B 69 5.75 -2.79 -36.26
N ALA B 70 4.91 -2.51 -37.25
CA ALA B 70 3.55 -2.07 -36.99
C ALA B 70 2.70 -3.25 -36.55
N ALA B 71 2.07 -3.12 -35.38
CA ALA B 71 1.18 -4.15 -34.86
C ALA B 71 0.26 -3.55 -33.81
N ASN B 72 -1.03 -3.81 -33.96
CA ASN B 72 -2.02 -3.37 -32.99
C ASN B 72 -2.03 -4.34 -31.81
N MET B 73 -1.64 -3.85 -30.63
CA MET B 73 -1.47 -4.73 -29.49
C MET B 73 -2.78 -5.29 -28.95
N LYS B 74 -3.92 -4.76 -29.38
CA LYS B 74 -5.21 -5.32 -28.96
C LYS B 74 -5.56 -6.60 -29.70
N ASP B 75 -4.80 -6.97 -30.73
CA ASP B 75 -5.03 -8.15 -31.55
C ASP B 75 -3.93 -9.15 -31.22
N ARG B 76 -4.30 -10.26 -30.58
CA ARG B 76 -3.29 -11.21 -30.13
C ARG B 76 -2.47 -11.76 -31.28
N ALA B 77 -3.07 -11.92 -32.47
CA ALA B 77 -2.30 -12.41 -33.61
C ALA B 77 -1.20 -11.44 -34.01
N GLN B 78 -1.47 -10.13 -33.89
CA GLN B 78 -0.46 -9.13 -34.21
C GLN B 78 0.61 -9.01 -33.13
N VAL B 79 0.24 -9.22 -31.87
CA VAL B 79 1.25 -9.31 -30.82
C VAL B 79 2.21 -10.45 -31.14
N GLU B 80 1.67 -11.60 -31.51
CA GLU B 80 2.53 -12.74 -31.83
C GLU B 80 3.42 -12.42 -33.04
N ALA B 81 2.86 -11.77 -34.06
CA ALA B 81 3.66 -11.42 -35.22
C ALA B 81 4.82 -10.49 -34.83
N LEU B 82 4.57 -9.57 -33.90
CA LEU B 82 5.64 -8.68 -33.44
C LEU B 82 6.77 -9.47 -32.79
N ILE B 83 6.41 -10.45 -32.00
CA ILE B 83 7.41 -11.22 -31.35
C ILE B 83 8.19 -12.06 -32.35
N LYS B 84 7.49 -12.70 -33.28
CA LYS B 84 8.15 -13.53 -34.29
C LYS B 84 9.03 -12.71 -35.19
N PHE B 85 8.59 -11.53 -35.53
CA PHE B 85 9.40 -10.64 -36.33
C PHE B 85 10.69 -10.33 -35.61
N THR B 86 10.62 -10.04 -34.30
CA THR B 86 11.83 -9.76 -33.53
C THR B 86 12.75 -10.97 -33.49
N GLU B 87 12.18 -12.16 -33.28
CA GLU B 87 13.00 -13.37 -33.26
C GLU B 87 13.72 -13.55 -34.60
N LYS B 88 13.04 -13.27 -35.71
CA LYS B 88 13.66 -13.46 -37.03
C LYS B 88 14.74 -12.42 -37.30
N GLU B 89 14.49 -11.15 -36.96
CA GLU B 89 15.36 -10.06 -37.39
C GLU B 89 16.56 -9.90 -36.46
N LEU B 90 16.33 -10.02 -35.14
CA LEU B 90 17.32 -9.68 -34.14
C LEU B 90 17.66 -10.84 -33.19
N GLY B 91 16.69 -11.70 -32.88
CA GLY B 91 16.91 -12.81 -31.96
C GLY B 91 15.88 -12.84 -30.86
N ALA B 92 16.10 -13.70 -29.88
CA ALA B 92 15.12 -13.92 -28.82
C ALA B 92 14.82 -12.61 -28.11
N VAL B 93 13.56 -12.43 -27.74
CA VAL B 93 13.15 -11.26 -26.98
C VAL B 93 13.63 -11.46 -25.55
N GLU B 94 14.50 -10.58 -25.08
CA GLU B 94 15.04 -10.66 -23.74
C GLU B 94 14.46 -9.63 -22.79
N ILE B 95 14.12 -8.45 -23.30
CA ILE B 95 13.51 -7.38 -22.53
C ILE B 95 12.21 -7.02 -23.23
N LEU B 96 11.10 -7.18 -22.51
CA LEU B 96 9.79 -6.80 -23.02
C LEU B 96 9.32 -5.62 -22.21
N VAL B 97 9.05 -4.50 -22.87
CA VAL B 97 8.47 -3.33 -22.21
C VAL B 97 7.06 -3.17 -22.75
N ASN B 98 6.07 -3.39 -21.88
CA ASN B 98 4.66 -3.25 -22.23
C ASN B 98 4.31 -1.81 -21.92
N ASN B 99 4.27 -0.97 -22.96
CA ASN B 99 4.11 0.46 -22.78
C ASN B 99 2.88 1.03 -23.47
N ALA B 100 2.48 0.50 -24.63
CA ALA B 100 1.35 1.06 -25.36
C ALA B 100 0.12 1.16 -24.45
N GLY B 101 -0.53 2.32 -24.49
CA GLY B 101 -1.69 2.53 -23.65
C GLY B 101 -2.46 3.75 -24.09
N ILE B 102 -3.73 3.79 -23.68
CA ILE B 102 -4.63 4.88 -24.03
C ILE B 102 -5.38 5.35 -22.80
N GLN B 103 -5.99 6.53 -22.94
CA GLN B 103 -6.73 7.19 -21.87
C GLN B 103 -8.06 7.69 -22.41
N HIS B 104 -9.08 7.68 -21.56
CA HIS B 104 -10.34 8.33 -21.86
C HIS B 104 -10.93 8.87 -20.57
N VAL B 105 -11.18 10.18 -20.54
CA VAL B 105 -11.64 10.88 -19.34
C VAL B 105 -13.15 11.01 -19.42
N SER B 106 -13.86 10.50 -18.40
CA SER B 106 -15.30 10.54 -18.34
C SER B 106 -15.77 10.15 -16.94
N PRO B 107 -16.82 10.78 -16.40
CA PRO B 107 -17.43 10.24 -15.18
C PRO B 107 -17.91 8.83 -15.43
N VAL B 108 -18.05 8.06 -14.34
CA VAL B 108 -18.41 6.65 -14.48
C VAL B 108 -19.77 6.50 -15.14
N GLU B 109 -20.72 7.38 -14.82
CA GLU B 109 -22.09 7.15 -15.26
C GLU B 109 -22.21 7.15 -16.78
N THR B 110 -21.37 7.94 -17.44
CA THR B 110 -21.45 8.09 -18.89
C THR B 110 -20.24 7.50 -19.60
N PHE B 111 -19.44 6.72 -18.89
CA PHE B 111 -18.25 6.14 -19.50
C PHE B 111 -18.68 5.19 -20.61
N PRO B 112 -18.27 5.44 -21.87
CA PRO B 112 -18.72 4.60 -22.96
C PRO B 112 -18.28 3.17 -22.76
N SER B 113 -19.17 2.21 -22.99
CA SER B 113 -18.86 0.77 -22.76
CA SER B 113 -18.86 0.77 -22.75
C SER B 113 -17.66 0.31 -23.62
N ASP B 114 -17.65 0.77 -24.87
CA ASP B 114 -16.54 0.36 -25.78
CA ASP B 114 -16.54 0.39 -25.79
C ASP B 114 -15.17 0.98 -25.40
N LYS B 115 -15.23 2.17 -24.81
CA LYS B 115 -13.98 2.83 -24.37
C LYS B 115 -13.46 2.11 -23.12
N TRP B 116 -14.37 1.62 -22.26
CA TRP B 116 -13.95 0.86 -21.10
C TRP B 116 -13.28 -0.42 -21.60
N ASP B 117 -13.91 -1.08 -22.53
CA ASP B 117 -13.38 -2.31 -23.06
C ASP B 117 -12.05 -2.13 -23.76
N GLU B 118 -11.90 -1.04 -24.48
CA GLU B 118 -10.67 -0.79 -25.21
C GLU B 118 -9.51 -0.52 -24.26
N ILE B 119 -9.78 0.22 -23.17
CA ILE B 119 -8.74 0.51 -22.20
C ILE B 119 -8.31 -0.75 -21.46
N ILE B 120 -9.26 -1.60 -21.08
CA ILE B 120 -8.90 -2.87 -20.47
C ILE B 120 -8.08 -3.70 -21.45
N ALA B 121 -8.51 -3.75 -22.71
CA ALA B 121 -7.84 -4.60 -23.69
C ALA B 121 -6.39 -4.19 -23.89
N LEU B 122 -6.14 -2.90 -24.07
CA LEU B 122 -4.79 -2.45 -24.37
C LEU B 122 -3.95 -2.31 -23.11
N ASN B 123 -4.49 -1.64 -22.10
CA ASN B 123 -3.67 -1.26 -20.95
C ASN B 123 -3.42 -2.43 -19.99
N LEU B 124 -4.23 -3.49 -20.05
CA LEU B 124 -4.01 -4.67 -19.22
C LEU B 124 -3.86 -5.95 -20.02
N THR B 125 -4.86 -6.34 -20.82
CA THR B 125 -4.84 -7.67 -21.41
C THR B 125 -3.73 -7.81 -22.45
N SER B 126 -3.38 -6.75 -23.18
CA SER B 126 -2.31 -6.89 -24.16
CA SER B 126 -2.30 -6.86 -24.15
C SER B 126 -0.97 -7.20 -23.48
N ALA B 127 -0.73 -6.64 -22.28
CA ALA B 127 0.50 -6.97 -21.57
C ALA B 127 0.55 -8.45 -21.21
N PHE B 128 -0.60 -9.02 -20.84
CA PHE B 128 -0.69 -10.46 -20.57
C PHE B 128 -0.37 -11.27 -21.81
N HIS B 129 -0.96 -10.90 -22.95
CA HIS B 129 -0.69 -11.63 -24.18
C HIS B 129 0.79 -11.61 -24.53
N ALA B 130 1.41 -10.41 -24.49
CA ALA B 130 2.82 -10.30 -24.86
C ALA B 130 3.70 -11.07 -23.89
N THR B 131 3.39 -10.96 -22.59
CA THR B 131 4.17 -11.66 -21.57
C THR B 131 4.06 -13.16 -21.76
N GLN B 132 2.86 -13.67 -22.01
CA GLN B 132 2.66 -15.09 -22.24
C GLN B 132 3.50 -15.58 -23.42
N LEU B 133 3.57 -14.79 -24.48
CA LEU B 133 4.27 -15.20 -25.69
C LEU B 133 5.77 -15.18 -25.51
N CYS B 134 6.29 -14.31 -24.63
CA CYS B 134 7.72 -14.14 -24.47
C CYS B 134 8.32 -15.00 -23.37
N LEU B 135 7.52 -15.42 -22.38
CA LEU B 135 8.10 -16.12 -21.25
C LEU B 135 8.77 -17.44 -21.60
N PRO B 136 8.23 -18.30 -22.49
CA PRO B 136 8.90 -19.60 -22.71
C PRO B 136 10.35 -19.46 -23.15
N SER B 137 10.65 -18.50 -24.04
CA SER B 137 12.02 -18.31 -24.49
C SER B 137 12.91 -17.78 -23.37
N MET B 138 12.38 -16.87 -22.56
CA MET B 138 13.15 -16.36 -21.43
C MET B 138 13.49 -17.47 -20.46
N ARG B 139 12.52 -18.35 -20.18
CA ARG B 139 12.78 -19.47 -19.28
C ARG B 139 13.83 -20.42 -19.87
N GLN B 140 13.75 -20.68 -21.17
CA GLN B 140 14.72 -21.57 -21.79
C GLN B 140 16.12 -21.00 -21.70
N ARG B 141 16.26 -19.68 -21.84
CA ARG B 141 17.57 -19.04 -21.84
C ARG B 141 18.06 -18.70 -20.43
N GLY B 142 17.17 -18.69 -19.44
CA GLY B 142 17.57 -18.39 -18.08
C GLY B 142 17.68 -16.92 -17.76
N TRP B 143 17.07 -16.05 -18.56
CA TRP B 143 17.18 -14.62 -18.31
C TRP B 143 15.99 -13.91 -18.93
N GLY B 144 15.51 -12.87 -18.27
CA GLY B 144 14.49 -12.06 -18.88
C GLY B 144 14.17 -10.82 -18.06
N ARG B 145 13.61 -9.84 -18.75
CA ARG B 145 13.01 -8.69 -18.08
C ARG B 145 11.65 -8.44 -18.72
N ILE B 146 10.62 -8.34 -17.89
CA ILE B 146 9.33 -7.82 -18.30
C ILE B 146 9.10 -6.56 -17.50
N ILE B 147 8.97 -5.43 -18.20
CA ILE B 147 8.83 -4.12 -17.60
C ILE B 147 7.48 -3.57 -18.05
N ASN B 148 6.57 -3.41 -17.10
CA ASN B 148 5.21 -2.95 -17.40
C ASN B 148 5.11 -1.48 -17.03
N ILE B 149 4.67 -0.66 -17.98
CA ILE B 149 4.47 0.76 -17.73
C ILE B 149 3.04 0.93 -17.23
N ALA B 150 2.91 1.01 -15.91
CA ALA B 150 1.69 1.25 -15.16
C ALA B 150 1.59 2.77 -15.02
N SER B 151 1.18 3.22 -13.84
CA SER B 151 0.94 4.63 -13.56
C SER B 151 0.76 4.79 -12.07
N VAL B 152 0.89 6.04 -11.59
CA VAL B 152 0.36 6.38 -10.28
C VAL B 152 -1.10 5.95 -10.18
N GLN B 153 -1.83 5.99 -11.31
CA GLN B 153 -3.22 5.59 -11.34
C GLN B 153 -3.39 4.09 -11.16
N GLY B 154 -2.29 3.33 -11.08
CA GLY B 154 -2.35 1.94 -10.68
C GLY B 154 -2.23 1.71 -9.19
N LEU B 155 -1.97 2.78 -8.44
CA LEU B 155 -1.81 2.73 -7.00
C LEU B 155 -2.82 3.56 -6.25
N VAL B 156 -3.38 4.58 -6.89
CA VAL B 156 -4.43 5.42 -6.32
C VAL B 156 -5.46 5.67 -7.42
N GLY B 157 -6.60 6.18 -7.00
CA GLY B 157 -7.62 6.60 -7.94
C GLY B 157 -7.58 8.09 -8.24
N SER B 158 -8.15 8.44 -9.40
CA SER B 158 -8.42 9.83 -9.77
C SER B 158 -9.80 9.91 -10.41
N MET B 159 -10.49 11.02 -10.16
CA MET B 159 -11.83 11.19 -10.73
C MET B 159 -11.80 11.11 -12.25
N ASN B 160 -12.83 10.49 -12.82
CA ASN B 160 -13.10 10.46 -14.25
C ASN B 160 -12.11 9.59 -15.01
N LYS B 161 -11.44 8.68 -14.32
CA LYS B 161 -10.47 7.77 -14.93
C LYS B 161 -10.70 6.34 -14.46
N SER B 162 -11.96 5.94 -14.38
CA SER B 162 -12.30 4.63 -13.79
C SER B 162 -11.68 3.49 -14.59
N ALA B 163 -11.85 3.48 -15.92
CA ALA B 163 -11.33 2.36 -16.69
C ALA B 163 -9.80 2.31 -16.61
N TYR B 164 -9.17 3.47 -16.72
CA TYR B 164 -7.71 3.55 -16.72
C TYR B 164 -7.13 3.15 -15.37
N CYS B 165 -7.71 3.66 -14.28
CA CYS B 165 -7.23 3.26 -12.96
C CYS B 165 -7.43 1.77 -12.76
N ALA B 166 -8.56 1.23 -13.22
CA ALA B 166 -8.80 -0.19 -13.07
C ALA B 166 -7.77 -1.00 -13.84
N ALA B 167 -7.52 -0.63 -15.10
CA ALA B 167 -6.56 -1.36 -15.92
C ALA B 167 -5.15 -1.28 -15.35
N LYS B 168 -4.75 -0.10 -14.86
CA LYS B 168 -3.40 0.07 -14.35
C LYS B 168 -3.21 -0.63 -13.01
N HIS B 169 -4.23 -0.58 -12.14
CA HIS B 169 -4.20 -1.39 -10.93
C HIS B 169 -4.05 -2.87 -11.31
N GLY B 170 -4.86 -3.31 -12.28
CA GLY B 170 -4.78 -4.68 -12.73
C GLY B 170 -3.40 -5.05 -13.27
N LEU B 171 -2.77 -4.13 -14.01
CA LEU B 171 -1.44 -4.37 -14.55
C LEU B 171 -0.42 -4.56 -13.44
N ILE B 172 -0.55 -3.82 -12.35
CA ILE B 172 0.33 -4.00 -11.20
C ILE B 172 0.07 -5.34 -10.53
N GLY B 173 -1.19 -5.74 -10.38
CA GLY B 173 -1.46 -7.07 -9.86
C GLY B 173 -0.88 -8.18 -10.74
N PHE B 174 -1.00 -8.02 -12.05
CA PHE B 174 -0.42 -8.99 -12.99
C PHE B 174 1.09 -9.06 -12.82
N THR B 175 1.73 -7.90 -12.67
CA THR B 175 3.18 -7.82 -12.49
C THR B 175 3.60 -8.67 -11.30
N LYS B 176 2.88 -8.54 -10.19
CA LYS B 176 3.22 -9.31 -9.00
C LYS B 176 3.19 -10.79 -9.28
N VAL B 177 2.13 -11.28 -9.95
CA VAL B 177 2.00 -12.72 -10.16
C VAL B 177 3.13 -13.23 -11.05
N VAL B 178 3.41 -12.52 -12.15
CA VAL B 178 4.45 -12.97 -13.06
C VAL B 178 5.79 -13.04 -12.33
N ALA B 179 6.06 -12.05 -11.48
CA ALA B 179 7.29 -12.03 -10.69
C ALA B 179 7.38 -13.23 -9.75
N LEU B 180 6.27 -13.57 -9.09
CA LEU B 180 6.27 -14.69 -8.15
C LEU B 180 6.44 -16.01 -8.88
N GLU B 181 5.86 -16.13 -10.09
CA GLU B 181 6.01 -17.37 -10.83
C GLU B 181 7.42 -17.54 -11.39
N THR B 182 8.21 -16.47 -11.46
CA THR B 182 9.56 -16.53 -12.00
C THR B 182 10.62 -16.25 -10.95
N ALA B 183 10.23 -16.22 -9.66
CA ALA B 183 11.08 -15.64 -8.63
C ALA B 183 12.39 -16.40 -8.46
N THR B 184 12.41 -17.70 -8.73
CA THR B 184 13.64 -18.49 -8.58
C THR B 184 14.45 -18.57 -9.87
N THR B 185 14.12 -17.77 -10.87
CA THR B 185 14.80 -17.76 -12.16
C THR B 185 15.51 -16.43 -12.37
N GLY B 186 16.22 -16.32 -13.49
CA GLY B 186 16.81 -15.07 -13.93
C GLY B 186 15.87 -14.13 -14.63
N ILE B 187 14.56 -14.38 -14.58
CA ILE B 187 13.54 -13.51 -15.15
C ILE B 187 12.94 -12.68 -14.03
N THR B 188 12.89 -11.36 -14.22
CA THR B 188 12.14 -10.49 -13.32
C THR B 188 11.01 -9.81 -14.06
N CYS B 189 9.98 -9.43 -13.31
CA CYS B 189 8.87 -8.65 -13.83
C CYS B 189 8.58 -7.57 -12.80
N ASN B 190 8.50 -6.33 -13.27
CA ASN B 190 8.28 -5.17 -12.41
C ASN B 190 7.49 -4.14 -13.21
N ALA B 191 6.98 -3.13 -12.50
CA ALA B 191 6.22 -2.05 -13.11
C ALA B 191 6.88 -0.71 -12.79
N ILE B 192 6.82 0.21 -13.74
CA ILE B 192 7.18 1.60 -13.51
C ILE B 192 5.87 2.38 -13.41
N CYS B 193 5.76 3.24 -12.41
CA CYS B 193 4.55 4.04 -12.22
C CYS B 193 4.88 5.53 -12.35
N PRO B 194 4.80 6.09 -13.56
CA PRO B 194 5.04 7.53 -13.70
C PRO B 194 3.86 8.33 -13.18
N GLY B 195 4.17 9.51 -12.68
CA GLY B 195 3.19 10.58 -12.57
C GLY B 195 3.07 11.26 -13.91
N TYR B 196 2.63 12.50 -13.89
CA TYR B 196 2.38 13.22 -15.14
C TYR B 196 3.67 13.46 -15.92
N VAL B 197 3.62 13.11 -17.21
CA VAL B 197 4.67 13.33 -18.17
C VAL B 197 4.04 14.09 -19.33
N TYR B 198 4.72 15.11 -19.85
CA TYR B 198 4.11 15.96 -20.88
C TYR B 198 4.22 15.28 -22.25
N THR B 199 3.26 14.38 -22.51
CA THR B 199 3.11 13.71 -23.80
C THR B 199 1.78 14.13 -24.42
N PRO B 200 1.48 13.75 -25.66
CA PRO B 200 0.14 14.05 -26.19
C PRO B 200 -0.97 13.49 -25.32
N LEU B 201 -0.76 12.36 -24.65
CA LEU B 201 -1.79 11.78 -23.80
C LEU B 201 -2.20 12.76 -22.69
N VAL B 202 -1.24 13.50 -22.15
CA VAL B 202 -1.53 14.51 -21.14
C VAL B 202 -1.88 15.86 -21.77
N GLU B 203 -1.25 16.20 -22.90
CA GLU B 203 -1.56 17.47 -23.54
C GLU B 203 -3.04 17.58 -23.88
N GLU B 204 -3.65 16.49 -24.35
CA GLU B 204 -5.06 16.56 -24.73
C GLU B 204 -5.95 16.80 -23.51
N GLN B 205 -5.60 16.21 -22.35
CA GLN B 205 -6.35 16.47 -21.13
C GLN B 205 -6.20 17.92 -20.70
N ILE B 206 -4.99 18.49 -20.81
CA ILE B 206 -4.79 19.88 -20.41
C ILE B 206 -5.57 20.81 -21.34
N LYS B 207 -5.61 20.48 -22.64
CA LYS B 207 -6.39 21.29 -23.57
C LYS B 207 -7.86 21.32 -23.18
N ALA B 208 -8.41 20.17 -22.78
CA ALA B 208 -9.81 20.12 -22.36
C ALA B 208 -10.03 20.97 -21.13
N VAL B 209 -9.13 20.91 -20.16
CA VAL B 209 -9.22 21.75 -18.97
C VAL B 209 -9.14 23.22 -19.37
N ALA B 210 -8.21 23.56 -20.26
CA ALA B 210 -8.04 24.96 -20.66
C ALA B 210 -9.31 25.50 -21.30
N GLU B 211 -9.92 24.72 -22.21
CA GLU B 211 -11.12 25.19 -22.88
C GLU B 211 -12.30 25.24 -21.93
N ALA B 212 -12.40 24.28 -21.02
CA ALA B 212 -13.58 24.19 -20.17
C ALA B 212 -13.52 25.18 -19.01
N LYS B 213 -12.32 25.50 -18.52
CA LYS B 213 -12.18 26.18 -17.24
C LYS B 213 -11.26 27.39 -17.25
N TYR B 214 -10.50 27.63 -18.32
CA TYR B 214 -9.52 28.69 -18.29
C TYR B 214 -9.52 29.54 -19.57
N GLY B 215 -10.64 29.60 -20.28
CA GLY B 215 -10.73 30.46 -21.45
C GLY B 215 -9.71 30.17 -22.52
N GLY B 216 -9.18 28.95 -22.56
CA GLY B 216 -8.20 28.56 -23.54
C GLY B 216 -6.76 28.78 -23.12
N ASP B 217 -6.52 29.26 -21.90
CA ASP B 217 -5.17 29.58 -21.43
C ASP B 217 -4.46 28.28 -21.07
N MET B 218 -3.58 27.82 -21.95
CA MET B 218 -2.88 26.57 -21.70
C MET B 218 -1.89 26.69 -20.55
N GLU B 219 -1.25 27.85 -20.38
CA GLU B 219 -0.30 27.99 -19.28
C GLU B 219 -0.99 27.89 -17.93
N ALA B 220 -2.11 28.60 -17.78
CA ALA B 220 -2.88 28.51 -16.54
C ALA B 220 -3.39 27.09 -16.34
N ALA B 221 -3.90 26.47 -17.39
CA ALA B 221 -4.44 25.12 -17.28
C ALA B 221 -3.34 24.12 -16.92
N THR B 222 -2.15 24.27 -17.50
CA THR B 222 -1.07 23.34 -17.21
C THR B 222 -0.68 23.41 -15.74
N GLN B 223 -0.53 24.62 -15.20
CA GLN B 223 -0.15 24.77 -13.81
C GLN B 223 -1.20 24.16 -12.89
N ALA B 224 -2.47 24.43 -13.16
CA ALA B 224 -3.53 23.86 -12.34
C ALA B 224 -3.57 22.35 -12.45
N PHE B 225 -3.44 21.82 -13.65
CA PHE B 225 -3.47 20.40 -13.89
C PHE B 225 -2.36 19.72 -13.09
N LEU B 226 -1.18 20.23 -13.25
CA LEU B 226 -0.05 19.68 -12.62
C LEU B 226 -0.09 19.77 -11.14
N CYS B 227 -0.46 20.92 -10.63
CA CYS B 227 -0.43 21.13 -9.22
C CYS B 227 -1.53 20.49 -8.40
N GLU B 228 -2.62 20.10 -9.03
CA GLU B 228 -3.67 19.33 -8.36
C GLU B 228 -3.10 18.03 -7.79
N LYS B 229 -2.15 17.42 -8.49
CA LYS B 229 -1.75 16.05 -8.19
C LYS B 229 -0.28 15.87 -7.86
N GLN B 230 0.60 16.74 -8.32
CA GLN B 230 2.03 16.43 -8.39
C GLN B 230 2.80 17.44 -7.55
N PRO B 231 3.18 17.08 -6.32
CA PRO B 231 3.78 18.07 -5.42
C PRO B 231 5.01 18.78 -5.98
N ALA B 232 5.77 18.12 -6.85
CA ALA B 232 6.95 18.75 -7.42
C ALA B 232 6.61 19.96 -8.29
N LYS B 233 5.35 20.09 -8.71
CA LYS B 233 4.91 21.20 -9.57
C LYS B 233 5.75 21.26 -10.83
N ALA B 234 6.16 20.08 -11.29
CA ALA B 234 6.92 19.89 -12.51
C ALA B 234 6.56 18.53 -13.10
N PHE B 235 6.74 18.40 -14.41
CA PHE B 235 6.48 17.12 -15.05
C PHE B 235 7.66 16.17 -14.87
N VAL B 236 7.33 14.88 -14.78
CA VAL B 236 8.32 13.83 -15.00
C VAL B 236 8.65 13.80 -16.49
N THR B 237 9.86 13.37 -16.83
CA THR B 237 10.27 13.37 -18.23
C THR B 237 10.32 11.96 -18.79
N VAL B 238 10.21 11.86 -20.12
CA VAL B 238 10.29 10.55 -20.77
C VAL B 238 11.66 9.95 -20.56
N GLU B 239 12.70 10.80 -20.48
CA GLU B 239 14.04 10.31 -20.22
C GLU B 239 14.13 9.67 -18.84
N GLN B 240 13.50 10.29 -17.84
CA GLN B 240 13.51 9.73 -16.50
C GLN B 240 12.81 8.39 -16.46
N VAL B 241 11.70 8.25 -17.18
CA VAL B 241 11.05 6.94 -17.24
C VAL B 241 11.97 5.92 -17.93
N GLY B 242 12.64 6.35 -19.00
CA GLY B 242 13.63 5.49 -19.63
C GLY B 242 14.76 5.08 -18.69
N ASP B 243 15.23 6.02 -17.87
CA ASP B 243 16.29 5.68 -16.91
C ASP B 243 15.81 4.61 -15.93
N ALA B 244 14.54 4.69 -15.50
CA ALA B 244 14.03 3.65 -14.61
C ALA B 244 13.95 2.31 -15.32
N ALA B 245 13.61 2.30 -16.62
CA ALA B 245 13.60 1.05 -17.35
C ALA B 245 14.99 0.46 -17.46
N VAL B 246 16.00 1.30 -17.72
CA VAL B 246 17.36 0.81 -17.77
C VAL B 246 17.77 0.22 -16.43
N PHE B 247 17.43 0.90 -15.33
CA PHE B 247 17.77 0.40 -14.00
C PHE B 247 17.15 -0.97 -13.76
N LEU B 248 15.87 -1.13 -14.07
CA LEU B 248 15.21 -2.43 -13.88
C LEU B 248 15.82 -3.49 -14.78
N ALA B 249 16.30 -3.12 -15.97
CA ALA B 249 16.91 -4.09 -16.88
C ALA B 249 18.33 -4.47 -16.52
N SER B 250 18.98 -3.72 -15.62
CA SER B 250 20.39 -3.91 -15.34
CA SER B 250 20.38 -3.86 -15.29
C SER B 250 20.61 -4.99 -14.29
N PRO B 251 21.86 -5.46 -14.17
CA PRO B 251 22.15 -6.54 -13.19
C PRO B 251 21.88 -6.18 -11.75
N GLY B 252 22.05 -4.91 -11.38
CA GLY B 252 21.73 -4.48 -10.03
C GLY B 252 20.29 -4.73 -9.63
N ALA B 253 19.41 -4.97 -10.61
CA ALA B 253 18.00 -5.25 -10.34
C ALA B 253 17.65 -6.73 -10.47
N ASP B 254 18.66 -7.62 -10.46
CA ASP B 254 18.39 -9.05 -10.59
C ASP B 254 17.43 -9.56 -9.51
N MET B 255 17.42 -8.93 -8.33
CA MET B 255 16.55 -9.36 -7.24
C MET B 255 15.42 -8.37 -6.94
N ILE B 256 15.17 -7.44 -7.85
CA ILE B 256 13.98 -6.59 -7.79
C ILE B 256 12.89 -7.35 -8.53
N ARG B 257 11.85 -7.77 -7.81
CA ARG B 257 10.85 -8.68 -8.35
C ARG B 257 9.48 -8.29 -7.85
N GLY B 258 8.56 -8.04 -8.78
CA GLY B 258 7.17 -7.86 -8.45
C GLY B 258 6.84 -6.53 -7.82
N THR B 259 7.66 -5.52 -8.04
CA THR B 259 7.49 -4.26 -7.35
C THR B 259 7.22 -3.14 -8.35
N THR B 260 6.97 -1.96 -7.79
CA THR B 260 6.70 -0.75 -8.53
C THR B 260 7.83 0.24 -8.30
N ILE B 261 8.33 0.82 -9.37
CA ILE B 261 9.26 1.95 -9.31
C ILE B 261 8.44 3.18 -9.66
N THR B 262 8.14 4.00 -8.67
CA THR B 262 7.23 5.12 -8.83
C THR B 262 8.04 6.39 -9.03
N VAL B 263 7.79 7.05 -10.17
CA VAL B 263 8.54 8.23 -10.60
C VAL B 263 7.46 9.29 -10.82
N ASP B 264 7.14 10.04 -9.76
CA ASP B 264 5.88 10.80 -9.79
C ASP B 264 5.94 12.15 -9.09
N GLY B 265 7.12 12.67 -8.78
CA GLY B 265 7.20 13.97 -8.14
C GLY B 265 6.50 14.07 -6.80
N GLY B 266 6.28 12.94 -6.13
CA GLY B 266 5.66 12.96 -4.81
C GLY B 266 4.18 12.62 -4.76
N TRP B 267 3.56 12.33 -5.89
CA TRP B 267 2.10 12.15 -5.95
C TRP B 267 1.61 11.12 -4.94
N VAL B 268 2.19 9.92 -4.94
CA VAL B 268 1.74 8.84 -4.05
C VAL B 268 2.28 8.98 -2.64
N ALA B 269 3.28 9.81 -2.42
CA ALA B 269 3.77 10.03 -1.07
C ALA B 269 2.78 10.79 -0.20
N GLN B 270 1.87 11.55 -0.80
CA GLN B 270 0.85 12.26 -0.03
C GLN B 270 -0.52 11.64 -0.23
N LYS C 9 -36.55 -0.75 13.24
CA LYS C 9 -36.12 -1.70 14.26
C LYS C 9 -34.64 -2.04 14.11
N ARG C 10 -34.19 -2.22 12.86
CA ARG C 10 -32.84 -2.65 12.54
C ARG C 10 -32.19 -1.66 11.59
N VAL C 11 -30.85 -1.69 11.55
CA VAL C 11 -30.10 -0.57 11.02
C VAL C 11 -30.28 -0.41 9.51
N LEU C 12 -30.48 -1.50 8.78
CA LEU C 12 -30.73 -1.41 7.35
C LEU C 12 -32.20 -1.62 7.00
N SER C 13 -33.11 -1.45 7.96
CA SER C 13 -34.53 -1.69 7.70
C SER C 13 -35.00 -0.87 6.50
N GLY C 14 -35.67 -1.55 5.57
CA GLY C 14 -36.23 -0.89 4.42
C GLY C 14 -35.26 -0.65 3.29
N ARG C 15 -33.96 -0.89 3.51
CA ARG C 15 -33.01 -0.71 2.43
C ARG C 15 -33.15 -1.84 1.41
N VAL C 16 -33.07 -1.49 0.13
CA VAL C 16 -33.16 -2.46 -0.96
C VAL C 16 -31.74 -2.79 -1.41
N ALA C 17 -31.37 -4.07 -1.29
CA ALA C 17 -30.03 -4.51 -1.65
C ALA C 17 -30.10 -5.57 -2.75
N VAL C 18 -29.16 -5.48 -3.68
CA VAL C 18 -28.94 -6.50 -4.70
C VAL C 18 -27.56 -7.09 -4.45
N VAL C 19 -27.48 -8.41 -4.31
CA VAL C 19 -26.21 -9.10 -4.17
C VAL C 19 -26.06 -10.03 -5.37
N THR C 20 -25.07 -9.77 -6.23
CA THR C 20 -24.86 -10.63 -7.38
C THR C 20 -24.20 -11.94 -6.95
N GLY C 21 -24.57 -13.02 -7.63
CA GLY C 21 -24.03 -14.34 -7.33
C GLY C 21 -24.20 -14.75 -5.88
N SER C 22 -25.43 -14.81 -5.40
CA SER C 22 -25.69 -14.85 -3.97
C SER C 22 -26.54 -16.03 -3.52
N ARG C 23 -26.64 -17.08 -4.33
CA ARG C 23 -27.38 -18.26 -3.89
C ARG C 23 -26.51 -19.26 -3.14
N LYS C 24 -25.20 -19.04 -3.09
CA LYS C 24 -24.29 -19.92 -2.39
C LYS C 24 -23.03 -19.14 -2.05
N GLY C 25 -22.19 -19.75 -1.22
CA GLY C 25 -20.89 -19.17 -0.95
C GLY C 25 -20.99 -17.84 -0.24
N ILE C 26 -19.99 -17.00 -0.50
CA ILE C 26 -19.89 -15.71 0.18
C ILE C 26 -21.11 -14.84 -0.11
N GLY C 27 -21.59 -14.83 -1.35
CA GLY C 27 -22.72 -13.98 -1.68
C GLY C 27 -23.96 -14.29 -0.85
N LEU C 28 -24.21 -15.58 -0.60
CA LEU C 28 -25.33 -15.97 0.25
C LEU C 28 -25.10 -15.49 1.68
N GLY C 29 -23.88 -15.65 2.18
CA GLY C 29 -23.56 -15.13 3.49
C GLY C 29 -23.83 -13.64 3.59
N ILE C 30 -23.42 -12.88 2.57
CA ILE C 30 -23.67 -11.45 2.56
C ILE C 30 -25.17 -11.16 2.54
N ALA C 31 -25.92 -11.86 1.68
CA ALA C 31 -27.35 -11.64 1.63
C ALA C 31 -27.99 -11.91 2.98
N MET C 32 -27.55 -12.98 3.65
CA MET C 32 -28.09 -13.33 4.95
CA MET C 32 -28.13 -13.31 4.94
C MET C 32 -27.81 -12.25 5.98
N ARG C 33 -26.56 -11.76 6.02
CA ARG C 33 -26.24 -10.77 7.06
C ARG C 33 -26.92 -9.43 6.79
N LEU C 34 -27.04 -9.05 5.51
CA LEU C 34 -27.79 -7.84 5.18
C LEU C 34 -29.25 -7.96 5.58
N ALA C 35 -29.87 -9.10 5.28
CA ALA C 35 -31.25 -9.31 5.68
C ALA C 35 -31.37 -9.34 7.20
N MET C 36 -30.42 -9.97 7.88
CA MET C 36 -30.40 -9.99 9.33
C MET C 36 -30.37 -8.58 9.91
N ALA C 37 -29.72 -7.65 9.22
CA ALA C 37 -29.64 -6.26 9.62
C ALA C 37 -30.82 -5.43 9.13
N GLY C 38 -31.78 -6.05 8.43
CA GLY C 38 -33.04 -5.42 8.08
C GLY C 38 -33.26 -5.16 6.60
N ALA C 39 -32.29 -5.44 5.75
CA ALA C 39 -32.40 -5.11 4.33
C ALA C 39 -33.32 -6.07 3.60
N ASP C 40 -34.10 -5.54 2.66
CA ASP C 40 -34.72 -6.35 1.62
C ASP C 40 -33.62 -6.76 0.65
N VAL C 41 -33.68 -7.98 0.12
CA VAL C 41 -32.56 -8.49 -0.67
C VAL C 41 -33.03 -9.21 -1.92
N VAL C 42 -32.34 -8.95 -3.03
CA VAL C 42 -32.49 -9.67 -4.28
C VAL C 42 -31.28 -10.59 -4.47
N LEU C 43 -31.54 -11.89 -4.52
CA LEU C 43 -30.55 -12.91 -4.85
C LEU C 43 -30.43 -13.04 -6.36
N ASN C 44 -29.32 -13.65 -6.78
CA ASN C 44 -28.99 -13.70 -8.20
C ASN C 44 -28.00 -14.81 -8.47
N GLY C 45 -28.21 -15.50 -9.60
CA GLY C 45 -27.26 -16.42 -10.17
C GLY C 45 -27.51 -16.45 -11.66
N ARG C 46 -26.72 -17.26 -12.37
CA ARG C 46 -26.79 -17.24 -13.82
C ARG C 46 -28.14 -17.72 -14.35
N ARG C 47 -28.62 -18.85 -13.85
CA ARG C 47 -29.84 -19.46 -14.36
C ARG C 47 -30.71 -19.92 -13.21
N GLN C 48 -32.02 -19.99 -13.46
CA GLN C 48 -32.95 -20.46 -12.45
C GLN C 48 -32.60 -21.87 -12.01
N SER C 49 -32.78 -22.13 -10.71
CA SER C 49 -32.52 -23.41 -10.09
C SER C 49 -33.78 -23.94 -9.42
N PRO C 50 -33.92 -25.25 -9.26
CA PRO C 50 -35.04 -25.77 -8.46
C PRO C 50 -34.97 -25.36 -7.01
N GLU C 51 -33.77 -25.03 -6.52
CA GLU C 51 -33.59 -24.64 -5.13
C GLU C 51 -33.95 -23.19 -4.85
N ASP C 52 -34.31 -22.42 -5.88
CA ASP C 52 -34.47 -20.98 -5.69
C ASP C 52 -35.46 -20.68 -4.56
N SER C 53 -36.62 -21.35 -4.56
CA SER C 53 -37.63 -21.07 -3.55
C SER C 53 -37.12 -21.40 -2.15
N ALA C 54 -36.37 -22.50 -2.02
CA ALA C 54 -35.82 -22.87 -0.72
C ALA C 54 -34.80 -21.85 -0.25
N ILE C 55 -33.95 -21.36 -1.15
CA ILE C 55 -32.94 -20.38 -0.77
C ILE C 55 -33.59 -19.05 -0.41
N VAL C 56 -34.60 -18.64 -1.18
CA VAL C 56 -35.31 -17.41 -0.83
C VAL C 56 -35.94 -17.54 0.55
N GLU C 57 -36.56 -18.69 0.84
CA GLU C 57 -37.19 -18.87 2.14
C GLU C 57 -36.16 -18.85 3.27
N LYS C 58 -34.96 -19.36 3.01
CA LYS C 58 -33.91 -19.34 4.02
C LYS C 58 -33.51 -17.91 4.36
N VAL C 59 -33.34 -17.07 3.34
CA VAL C 59 -32.98 -15.67 3.60
C VAL C 59 -34.17 -14.93 4.17
N ALA C 60 -35.38 -15.31 3.78
CA ALA C 60 -36.59 -14.62 4.24
C ALA C 60 -36.89 -14.91 5.70
N ALA C 61 -36.19 -15.86 6.32
CA ALA C 61 -36.40 -16.11 7.74
C ALA C 61 -36.00 -14.91 8.60
N TYR C 62 -35.25 -13.96 8.05
CA TYR C 62 -34.91 -12.74 8.77
C TYR C 62 -35.99 -11.68 8.68
N GLY C 63 -37.12 -11.99 8.06
CA GLY C 63 -38.30 -11.14 8.15
C GLY C 63 -38.34 -9.96 7.22
N THR C 64 -37.54 -9.95 6.16
CA THR C 64 -37.54 -8.88 5.17
C THR C 64 -38.07 -9.43 3.85
N ARG C 65 -38.16 -8.55 2.85
CA ARG C 65 -38.60 -8.98 1.52
C ARG C 65 -37.39 -9.52 0.76
N VAL C 66 -37.56 -10.71 0.19
CA VAL C 66 -36.51 -11.39 -0.54
C VAL C 66 -37.03 -11.79 -1.90
N ARG C 67 -36.20 -11.61 -2.92
CA ARG C 67 -36.52 -12.01 -4.27
C ARG C 67 -35.30 -12.73 -4.83
N CYS C 68 -35.48 -13.37 -5.98
CA CYS C 68 -34.39 -14.02 -6.69
C CYS C 68 -34.58 -13.75 -8.17
N PHE C 69 -33.50 -13.38 -8.86
CA PHE C 69 -33.58 -13.08 -10.29
C PHE C 69 -32.36 -13.63 -10.99
N ALA C 70 -32.59 -14.47 -12.00
CA ALA C 70 -31.52 -15.06 -12.79
C ALA C 70 -31.03 -14.06 -13.83
N ALA C 71 -29.72 -13.85 -13.84
CA ALA C 71 -29.10 -12.91 -14.77
C ALA C 71 -27.62 -13.20 -14.79
N ASN C 72 -27.08 -13.42 -15.99
CA ASN C 72 -25.65 -13.64 -16.15
C ASN C 72 -24.96 -12.29 -16.15
N MET C 73 -24.13 -12.03 -15.13
CA MET C 73 -23.55 -10.70 -14.97
CA MET C 73 -23.58 -10.69 -14.87
C MET C 73 -22.55 -10.34 -16.05
N LYS C 74 -22.11 -11.29 -16.86
CA LYS C 74 -21.24 -10.97 -17.98
C LYS C 74 -21.99 -10.36 -19.16
N ASP C 75 -23.32 -10.28 -19.09
CA ASP C 75 -24.16 -9.78 -20.18
C ASP C 75 -24.82 -8.49 -19.69
N ARG C 76 -24.38 -7.35 -20.26
CA ARG C 76 -24.81 -6.07 -19.72
C ARG C 76 -26.33 -5.95 -19.74
N ALA C 77 -26.98 -6.51 -20.77
CA ALA C 77 -28.43 -6.44 -20.85
C ALA C 77 -29.10 -7.17 -19.68
N GLN C 78 -28.51 -8.29 -19.25
CA GLN C 78 -29.06 -9.01 -18.11
C GLN C 78 -28.76 -8.31 -16.80
N VAL C 79 -27.62 -7.60 -16.70
CA VAL C 79 -27.39 -6.77 -15.53
C VAL C 79 -28.49 -5.71 -15.43
N GLU C 80 -28.81 -5.07 -16.55
CA GLU C 80 -29.86 -4.06 -16.55
C GLU C 80 -31.19 -4.68 -16.14
N ALA C 81 -31.47 -5.89 -16.64
CA ALA C 81 -32.72 -6.57 -16.30
C ALA C 81 -32.82 -6.83 -14.81
N LEU C 82 -31.71 -7.23 -14.19
CA LEU C 82 -31.69 -7.44 -12.75
C LEU C 82 -32.03 -6.15 -12.01
N ILE C 83 -31.43 -5.04 -12.40
CA ILE C 83 -31.70 -3.76 -11.74
C ILE C 83 -33.16 -3.34 -11.96
N LYS C 84 -33.65 -3.46 -13.20
CA LYS C 84 -35.02 -3.07 -13.49
C LYS C 84 -36.01 -3.95 -12.72
N PHE C 85 -35.72 -5.25 -12.61
CA PHE C 85 -36.58 -6.14 -11.84
C PHE C 85 -36.65 -5.70 -10.38
N THR C 86 -35.49 -5.38 -9.80
CA THR C 86 -35.45 -4.94 -8.41
C THR C 86 -36.25 -3.64 -8.24
N GLU C 87 -36.13 -2.71 -9.18
CA GLU C 87 -36.86 -1.45 -9.08
C GLU C 87 -38.37 -1.68 -9.13
N LYS C 88 -38.81 -2.61 -9.97
CA LYS C 88 -40.23 -2.88 -10.11
C LYS C 88 -40.77 -3.59 -8.88
N GLU C 89 -39.99 -4.53 -8.33
CA GLU C 89 -40.46 -5.37 -7.24
C GLU C 89 -40.37 -4.68 -5.88
N LEU C 90 -39.26 -3.99 -5.61
CA LEU C 90 -38.96 -3.50 -4.27
C LEU C 90 -38.71 -2.01 -4.20
N GLY C 91 -38.27 -1.41 -5.29
CA GLY C 91 -37.91 -0.01 -5.31
C GLY C 91 -36.48 0.16 -5.76
N ALA C 92 -36.02 1.40 -5.68
CA ALA C 92 -34.68 1.70 -6.14
C ALA C 92 -33.66 0.81 -5.46
N VAL C 93 -32.60 0.48 -6.19
CA VAL C 93 -31.47 -0.25 -5.62
C VAL C 93 -30.65 0.74 -4.79
N GLU C 94 -30.58 0.51 -3.49
CA GLU C 94 -29.84 1.38 -2.59
C GLU C 94 -28.49 0.83 -2.21
N ILE C 95 -28.38 -0.49 -2.08
CA ILE C 95 -27.14 -1.18 -1.77
C ILE C 95 -26.84 -2.14 -2.91
N LEU C 96 -25.72 -1.94 -3.59
CA LEU C 96 -25.28 -2.84 -4.65
C LEU C 96 -24.05 -3.57 -4.16
N VAL C 97 -24.12 -4.90 -4.08
CA VAL C 97 -22.97 -5.72 -3.74
C VAL C 97 -22.56 -6.49 -4.99
N ASN C 98 -21.39 -6.14 -5.52
CA ASN C 98 -20.79 -6.82 -6.66
C ASN C 98 -19.95 -7.97 -6.10
N ASN C 99 -20.52 -9.17 -6.13
CA ASN C 99 -19.92 -10.35 -5.51
C ASN C 99 -19.60 -11.45 -6.49
N ALA C 100 -20.45 -11.67 -7.49
CA ALA C 100 -20.25 -12.78 -8.41
C ALA C 100 -18.83 -12.78 -8.96
N GLY C 101 -18.16 -13.93 -8.88
CA GLY C 101 -16.79 -14.02 -9.34
C GLY C 101 -16.39 -15.45 -9.58
N ILE C 102 -15.34 -15.62 -10.38
CA ILE C 102 -14.83 -16.94 -10.74
C ILE C 102 -13.32 -16.95 -10.63
N GLN C 103 -12.78 -18.17 -10.63
CA GLN C 103 -11.36 -18.42 -10.49
C GLN C 103 -10.92 -19.44 -11.54
N HIS C 104 -9.65 -19.32 -11.96
CA HIS C 104 -9.01 -20.35 -12.75
C HIS C 104 -7.52 -20.32 -12.43
N VAL C 105 -7.00 -21.46 -12.00
CA VAL C 105 -5.62 -21.58 -11.53
C VAL C 105 -4.79 -22.16 -12.66
N SER C 106 -3.76 -21.41 -13.07
CA SER C 106 -2.88 -21.82 -14.15
C SER C 106 -1.64 -20.93 -14.17
N PRO C 107 -0.46 -21.47 -14.50
CA PRO C 107 0.67 -20.59 -14.74
C PRO C 107 0.36 -19.66 -15.91
N VAL C 108 1.09 -18.53 -15.94
CA VAL C 108 0.83 -17.51 -16.97
C VAL C 108 1.02 -18.08 -18.36
N GLU C 109 2.05 -18.91 -18.57
CA GLU C 109 2.41 -19.31 -19.92
C GLU C 109 1.29 -20.08 -20.63
N THR C 110 0.50 -20.84 -19.88
CA THR C 110 -0.55 -21.70 -20.41
C THR C 110 -1.94 -21.24 -20.03
N PHE C 111 -2.06 -20.04 -19.47
CA PHE C 111 -3.34 -19.53 -19.03
C PHE C 111 -4.24 -19.35 -20.25
N PRO C 112 -5.38 -20.04 -20.33
CA PRO C 112 -6.19 -19.94 -21.55
C PRO C 112 -6.70 -18.53 -21.79
N SER C 113 -6.63 -18.11 -23.04
CA SER C 113 -7.00 -16.74 -23.38
C SER C 113 -8.46 -16.46 -23.05
N ASP C 114 -9.35 -17.41 -23.32
CA ASP C 114 -10.75 -17.09 -23.02
C ASP C 114 -11.05 -17.15 -21.53
N LYS C 115 -10.29 -17.90 -20.73
CA LYS C 115 -10.48 -17.86 -19.28
C LYS C 115 -9.99 -16.54 -18.68
N TRP C 116 -8.85 -16.02 -19.19
CA TRP C 116 -8.42 -14.68 -18.79
C TRP C 116 -9.53 -13.68 -19.05
N ASP C 117 -10.06 -13.68 -20.28
CA ASP C 117 -11.09 -12.72 -20.65
C ASP C 117 -12.34 -12.89 -19.78
N GLU C 118 -12.72 -14.13 -19.48
CA GLU C 118 -13.91 -14.38 -18.68
C GLU C 118 -13.73 -13.84 -17.26
N ILE C 119 -12.54 -14.03 -16.68
CA ILE C 119 -12.29 -13.54 -15.34
C ILE C 119 -12.31 -12.02 -15.31
N ILE C 120 -11.68 -11.38 -16.30
CA ILE C 120 -11.75 -9.93 -16.35
C ILE C 120 -13.20 -9.48 -16.51
N ALA C 121 -13.94 -10.14 -17.39
CA ALA C 121 -15.31 -9.72 -17.69
C ALA C 121 -16.19 -9.78 -16.44
N LEU C 122 -16.12 -10.87 -15.69
CA LEU C 122 -17.01 -11.02 -14.55
C LEU C 122 -16.46 -10.33 -13.31
N ASN C 123 -15.17 -10.53 -13.01
CA ASN C 123 -14.63 -10.08 -11.73
C ASN C 123 -14.35 -8.58 -11.71
N LEU C 124 -14.23 -7.95 -12.88
CA LEU C 124 -14.04 -6.51 -12.97
C LEU C 124 -15.10 -5.80 -13.79
N THR C 125 -15.29 -6.17 -15.06
CA THR C 125 -16.12 -5.33 -15.90
C THR C 125 -17.59 -5.40 -15.51
N SER C 126 -18.05 -6.54 -14.98
CA SER C 126 -19.44 -6.63 -14.56
C SER C 126 -19.74 -5.65 -13.44
N ALA C 127 -18.78 -5.42 -12.55
CA ALA C 127 -18.97 -4.48 -11.46
C ALA C 127 -19.08 -3.05 -11.99
N PHE C 128 -18.31 -2.71 -13.03
CA PHE C 128 -18.46 -1.41 -13.68
C PHE C 128 -19.85 -1.26 -14.29
N HIS C 129 -20.32 -2.27 -15.00
CA HIS C 129 -21.63 -2.17 -15.64
C HIS C 129 -22.74 -1.97 -14.59
N ALA C 130 -22.74 -2.78 -13.54
CA ALA C 130 -23.78 -2.67 -12.53
C ALA C 130 -23.71 -1.32 -11.82
N THR C 131 -22.49 -0.86 -11.51
CA THR C 131 -22.32 0.43 -10.85
C THR C 131 -22.83 1.57 -11.72
N GLN C 132 -22.46 1.53 -13.00
CA GLN C 132 -22.94 2.54 -13.94
C GLN C 132 -24.45 2.60 -13.97
N LEU C 133 -25.10 1.44 -13.92
CA LEU C 133 -26.55 1.40 -14.03
C LEU C 133 -27.24 1.90 -12.75
N CYS C 134 -26.59 1.75 -11.60
CA CYS C 134 -27.23 2.06 -10.33
C CYS C 134 -26.94 3.48 -9.84
N LEU C 135 -25.83 4.07 -10.26
CA LEU C 135 -25.42 5.36 -9.70
C LEU C 135 -26.41 6.50 -9.96
N PRO C 136 -27.00 6.65 -11.17
CA PRO C 136 -27.90 7.81 -11.37
C PRO C 136 -29.04 7.86 -10.37
N SER C 137 -29.65 6.72 -10.08
CA SER C 137 -30.72 6.67 -9.08
C SER C 137 -30.19 7.04 -7.70
N MET C 138 -29.04 6.48 -7.34
CA MET C 138 -28.48 6.77 -6.02
C MET C 138 -28.21 8.27 -5.87
N ARG C 139 -27.70 8.91 -6.92
CA ARG C 139 -27.46 10.34 -6.84
C ARG C 139 -28.76 11.11 -6.67
N GLN C 140 -29.81 10.71 -7.39
CA GLN C 140 -31.10 11.37 -7.25
C GLN C 140 -31.64 11.22 -5.84
N ARG C 141 -31.47 10.05 -5.26
CA ARG C 141 -32.02 9.74 -3.94
C ARG C 141 -31.13 10.22 -2.80
N GLY C 142 -29.91 10.64 -3.09
CA GLY C 142 -29.03 11.17 -2.08
C GLY C 142 -28.37 10.14 -1.19
N TRP C 143 -28.37 8.88 -1.59
CA TRP C 143 -27.79 7.85 -0.74
C TRP C 143 -27.43 6.64 -1.60
N GLY C 144 -26.36 5.97 -1.22
CA GLY C 144 -26.06 4.73 -1.89
C GLY C 144 -24.90 4.03 -1.23
N ARG C 145 -24.88 2.71 -1.42
CA ARG C 145 -23.72 1.91 -1.07
C ARG C 145 -23.38 1.00 -2.25
N ILE C 146 -22.17 1.13 -2.77
CA ILE C 146 -21.58 0.20 -3.72
CA ILE C 146 -21.61 0.21 -3.63
C ILE C 146 -20.50 -0.56 -2.96
N ILE C 147 -20.67 -1.87 -2.82
CA ILE C 147 -19.76 -2.71 -2.04
C ILE C 147 -19.21 -3.77 -2.98
N ASN C 148 -17.92 -3.70 -3.25
CA ASN C 148 -17.25 -4.59 -4.20
C ASN C 148 -16.51 -5.67 -3.42
N ILE C 149 -16.79 -6.93 -3.73
CA ILE C 149 -16.12 -8.05 -3.09
C ILE C 149 -14.88 -8.34 -3.92
N ALA C 150 -13.76 -7.82 -3.45
CA ALA C 150 -12.42 -7.97 -4.01
C ALA C 150 -11.85 -9.21 -3.31
N SER C 151 -10.60 -9.13 -2.91
CA SER C 151 -9.86 -10.25 -2.34
C SER C 151 -8.55 -9.71 -1.82
N VAL C 152 -7.88 -10.49 -0.96
CA VAL C 152 -6.46 -10.24 -0.68
C VAL C 152 -5.68 -10.24 -1.99
N GLN C 153 -6.16 -11.01 -2.97
CA GLN C 153 -5.52 -11.06 -4.27
C GLN C 153 -5.67 -9.76 -5.06
N GLY C 154 -6.43 -8.79 -4.55
CA GLY C 154 -6.44 -7.46 -5.10
C GLY C 154 -5.41 -6.52 -4.52
N LEU C 155 -4.67 -6.98 -3.50
CA LEU C 155 -3.65 -6.19 -2.83
C LEU C 155 -2.27 -6.81 -2.93
N VAL C 156 -2.19 -8.13 -3.10
CA VAL C 156 -0.95 -8.85 -3.32
C VAL C 156 -1.18 -9.87 -4.42
N GLY C 157 -0.08 -10.38 -4.96
CA GLY C 157 -0.12 -11.45 -5.92
C GLY C 157 0.03 -12.83 -5.29
N SER C 158 -0.41 -13.84 -6.05
CA SER C 158 -0.20 -15.24 -5.72
C SER C 158 0.09 -15.98 -7.00
N MET C 159 0.96 -17.00 -6.92
CA MET C 159 1.31 -17.77 -8.11
C MET C 159 0.07 -18.41 -8.71
N ASN C 160 0.05 -18.46 -10.04
CA ASN C 160 -0.92 -19.20 -10.84
C ASN C 160 -2.29 -18.56 -10.82
N LYS C 161 -2.37 -17.31 -10.43
CA LYS C 161 -3.63 -16.59 -10.35
C LYS C 161 -3.54 -15.24 -11.04
N SER C 162 -2.87 -15.20 -12.20
CA SER C 162 -2.59 -13.92 -12.85
C SER C 162 -3.87 -13.18 -13.22
N ALA C 163 -4.81 -13.85 -13.87
CA ALA C 163 -6.03 -13.15 -14.29
C ALA C 163 -6.84 -12.67 -13.09
N TYR C 164 -6.97 -13.52 -12.07
CA TYR C 164 -7.77 -13.17 -10.91
C TYR C 164 -7.15 -12.03 -10.12
N CYS C 165 -5.83 -12.08 -9.88
CA CYS C 165 -5.17 -10.97 -9.21
C CYS C 165 -5.28 -9.69 -10.01
N ALA C 166 -5.16 -9.78 -11.34
CA ALA C 166 -5.33 -8.59 -12.15
C ALA C 166 -6.75 -8.03 -12.01
N ALA C 167 -7.76 -8.89 -12.09
CA ALA C 167 -9.13 -8.42 -12.01
C ALA C 167 -9.44 -7.81 -10.64
N LYS C 168 -8.94 -8.45 -9.58
CA LYS C 168 -9.25 -7.98 -8.23
C LYS C 168 -8.48 -6.70 -7.89
N HIS C 169 -7.22 -6.59 -8.32
CA HIS C 169 -6.51 -5.31 -8.25
C HIS C 169 -7.31 -4.24 -9.00
N GLY C 170 -7.76 -4.56 -10.22
CA GLY C 170 -8.55 -3.61 -10.99
C GLY C 170 -9.83 -3.20 -10.29
N LEU C 171 -10.51 -4.15 -9.64
CA LEU C 171 -11.74 -3.84 -8.93
C LEU C 171 -11.49 -2.85 -7.80
N ILE C 172 -10.36 -2.99 -7.12
CA ILE C 172 -10.00 -2.06 -6.06
C ILE C 172 -9.70 -0.68 -6.65
N GLY C 173 -9.01 -0.63 -7.78
CA GLY C 173 -8.78 0.65 -8.42
C GLY C 173 -10.07 1.33 -8.84
N PHE C 174 -11.00 0.54 -9.39
CA PHE C 174 -12.32 1.06 -9.77
C PHE C 174 -13.06 1.60 -8.54
N THR C 175 -13.00 0.87 -7.44
CA THR C 175 -13.63 1.29 -6.19
C THR C 175 -13.19 2.69 -5.78
N LYS C 176 -11.87 2.94 -5.86
CA LYS C 176 -11.35 4.25 -5.47
C LYS C 176 -11.93 5.35 -6.33
N VAL C 177 -11.98 5.14 -7.64
CA VAL C 177 -12.46 6.19 -8.54
C VAL C 177 -13.92 6.50 -8.26
N VAL C 178 -14.75 5.46 -8.15
CA VAL C 178 -16.17 5.68 -7.89
C VAL C 178 -16.34 6.46 -6.59
N ALA C 179 -15.57 6.10 -5.57
CA ALA C 179 -15.68 6.80 -4.29
C ALA C 179 -15.28 8.27 -4.45
N LEU C 180 -14.23 8.55 -5.21
CA LEU C 180 -13.81 9.94 -5.38
C LEU C 180 -14.85 10.74 -6.16
N GLU C 181 -15.46 10.13 -7.18
CA GLU C 181 -16.47 10.83 -7.97
C GLU C 181 -17.75 11.09 -7.19
N THR C 182 -17.97 10.36 -6.09
CA THR C 182 -19.16 10.53 -5.25
C THR C 182 -18.83 11.07 -3.86
N ALA C 183 -17.62 11.57 -3.64
CA ALA C 183 -17.16 11.80 -2.27
C ALA C 183 -17.97 12.85 -1.52
N THR C 184 -18.58 13.80 -2.24
CA THR C 184 -19.35 14.86 -1.58
C THR C 184 -20.83 14.53 -1.48
N THR C 185 -21.21 13.29 -1.74
CA THR C 185 -22.59 12.86 -1.72
C THR C 185 -22.80 11.82 -0.63
N GLY C 186 -24.06 11.39 -0.49
CA GLY C 186 -24.41 10.31 0.39
C GLY C 186 -24.14 8.93 -0.17
N ILE C 187 -23.39 8.82 -1.27
CA ILE C 187 -23.03 7.55 -1.87
C ILE C 187 -21.60 7.24 -1.49
N THR C 188 -21.36 6.03 -0.98
CA THR C 188 -19.99 5.56 -0.78
C THR C 188 -19.75 4.32 -1.64
N CYS C 189 -18.48 4.08 -1.95
CA CYS C 189 -18.05 2.87 -2.65
C CYS C 189 -16.79 2.39 -1.97
N ASN C 190 -16.78 1.10 -1.62
CA ASN C 190 -15.69 0.49 -0.87
C ASN C 190 -15.57 -0.96 -1.30
N ALA C 191 -14.45 -1.59 -0.94
CA ALA C 191 -14.20 -2.98 -1.27
C ALA C 191 -13.96 -3.77 0.02
N ILE C 192 -14.44 -5.02 0.03
CA ILE C 192 -14.11 -5.99 1.06
C ILE C 192 -13.09 -6.95 0.46
N CYS C 193 -12.02 -7.24 1.21
CA CYS C 193 -10.95 -8.11 0.75
C CYS C 193 -10.86 -9.31 1.68
N PRO C 194 -11.62 -10.37 1.40
CA PRO C 194 -11.48 -11.59 2.20
C PRO C 194 -10.19 -12.32 1.88
N GLY C 195 -9.65 -12.98 2.90
CA GLY C 195 -8.73 -14.08 2.69
C GLY C 195 -9.51 -15.33 2.38
N TYR C 196 -8.88 -16.48 2.61
CA TYR C 196 -9.53 -17.74 2.28
C TYR C 196 -10.80 -17.99 3.09
N VAL C 197 -11.88 -18.33 2.38
CA VAL C 197 -13.18 -18.71 2.94
C VAL C 197 -13.52 -20.08 2.36
N TYR C 198 -14.06 -20.98 3.18
CA TYR C 198 -14.26 -22.35 2.71
C TYR C 198 -15.56 -22.45 1.91
N THR C 199 -15.46 -22.10 0.64
CA THR C 199 -16.55 -22.19 -0.33
C THR C 199 -16.14 -23.17 -1.42
N PRO C 200 -17.04 -23.56 -2.33
CA PRO C 200 -16.62 -24.42 -3.44
C PRO C 200 -15.46 -23.85 -4.24
N LEU C 201 -15.42 -22.52 -4.42
CA LEU C 201 -14.31 -21.92 -5.15
C LEU C 201 -12.97 -22.31 -4.55
N VAL C 202 -12.89 -22.37 -3.22
CA VAL C 202 -11.67 -22.79 -2.56
C VAL C 202 -11.59 -24.31 -2.41
N GLU C 203 -12.71 -24.99 -2.18
CA GLU C 203 -12.66 -26.44 -2.02
C GLU C 203 -12.08 -27.11 -3.25
N GLU C 204 -12.46 -26.63 -4.44
CA GLU C 204 -11.92 -27.21 -5.68
C GLU C 204 -10.41 -27.06 -5.75
N GLN C 205 -9.88 -25.92 -5.31
CA GLN C 205 -8.43 -25.74 -5.30
C GLN C 205 -7.76 -26.71 -4.35
N ILE C 206 -8.36 -26.92 -3.16
CA ILE C 206 -7.78 -27.84 -2.20
C ILE C 206 -7.81 -29.26 -2.72
N LYS C 207 -8.90 -29.63 -3.42
CA LYS C 207 -8.97 -30.94 -4.04
C LYS C 207 -7.82 -31.16 -5.01
N ALA C 208 -7.50 -30.15 -5.82
CA ALA C 208 -6.40 -30.28 -6.77
C ALA C 208 -5.07 -30.44 -6.03
N VAL C 209 -4.87 -29.68 -4.95
CA VAL C 209 -3.67 -29.81 -4.14
C VAL C 209 -3.59 -31.21 -3.54
N ALA C 210 -4.71 -31.69 -2.99
CA ALA C 210 -4.73 -33.01 -2.37
C ALA C 210 -4.33 -34.08 -3.38
N GLU C 211 -4.90 -34.03 -4.58
CA GLU C 211 -4.58 -35.02 -5.60
C GLU C 211 -3.12 -34.94 -6.03
N ALA C 212 -2.59 -33.72 -6.17
CA ALA C 212 -1.27 -33.53 -6.73
C ALA C 212 -0.16 -33.84 -5.72
N LYS C 213 -0.35 -33.48 -4.45
CA LYS C 213 0.73 -33.49 -3.48
C LYS C 213 0.47 -34.28 -2.21
N TYR C 214 -0.77 -34.71 -1.94
CA TYR C 214 -1.09 -35.35 -0.67
C TYR C 214 -1.84 -36.66 -0.85
N GLY C 215 -1.80 -37.24 -2.04
CA GLY C 215 -2.42 -38.53 -2.26
C GLY C 215 -3.89 -38.57 -1.92
N GLY C 216 -4.59 -37.45 -2.14
CA GLY C 216 -6.00 -37.35 -1.86
C GLY C 216 -6.36 -37.01 -0.43
N ASP C 217 -5.39 -36.74 0.44
CA ASP C 217 -5.67 -36.47 1.84
C ASP C 217 -6.13 -35.02 1.96
N MET C 218 -7.44 -34.82 2.06
CA MET C 218 -7.99 -33.46 2.08
C MET C 218 -7.63 -32.72 3.36
N GLU C 219 -7.43 -33.42 4.48
CA GLU C 219 -7.09 -32.73 5.72
C GLU C 219 -5.68 -32.17 5.66
N ALA C 220 -4.72 -32.95 5.18
CA ALA C 220 -3.36 -32.44 5.00
C ALA C 220 -3.35 -31.30 4.00
N ALA C 221 -4.05 -31.48 2.87
CA ALA C 221 -4.05 -30.46 1.83
C ALA C 221 -4.68 -29.17 2.34
N THR C 222 -5.75 -29.28 3.12
CA THR C 222 -6.40 -28.08 3.66
C THR C 222 -5.46 -27.31 4.58
N GLN C 223 -4.76 -28.02 5.47
CA GLN C 223 -3.85 -27.34 6.39
C GLN C 223 -2.69 -26.70 5.64
N ALA C 224 -2.11 -27.40 4.67
CA ALA C 224 -1.06 -26.81 3.86
C ALA C 224 -1.59 -25.60 3.08
N PHE C 225 -2.77 -25.75 2.48
CA PHE C 225 -3.36 -24.67 1.69
C PHE C 225 -3.56 -23.43 2.56
N LEU C 226 -4.17 -23.61 3.74
CA LEU C 226 -4.41 -22.48 4.62
C LEU C 226 -3.11 -21.85 5.10
N CYS C 227 -2.23 -22.66 5.66
CA CYS C 227 -1.10 -22.11 6.40
C CYS C 227 -0.02 -21.54 5.47
N GLU C 228 -0.11 -21.82 4.17
CA GLU C 228 0.79 -21.14 3.23
C GLU C 228 0.57 -19.63 3.27
N LYS C 229 -0.68 -19.20 3.42
CA LYS C 229 -1.07 -17.81 3.21
C LYS C 229 -1.68 -17.10 4.40
N GLN C 230 -2.31 -17.83 5.32
CA GLN C 230 -3.26 -17.22 6.27
C GLN C 230 -2.76 -17.46 7.68
N PRO C 231 -2.14 -16.45 8.31
CA PRO C 231 -1.49 -16.67 9.61
C PRO C 231 -2.40 -17.21 10.70
N ALA C 232 -3.69 -16.88 10.65
CA ALA C 232 -4.64 -17.38 11.64
C ALA C 232 -4.81 -18.89 11.57
N LYS C 233 -4.38 -19.53 10.47
CA LYS C 233 -4.51 -20.98 10.31
C LYS C 233 -5.95 -21.42 10.49
N ALA C 234 -6.87 -20.56 10.05
CA ALA C 234 -8.30 -20.80 10.09
C ALA C 234 -8.92 -20.05 8.93
N PHE C 235 -10.09 -20.52 8.50
CA PHE C 235 -10.80 -19.86 7.40
C PHE C 235 -11.60 -18.67 7.91
N VAL C 236 -11.69 -17.64 7.07
CA VAL C 236 -12.72 -16.63 7.24
C VAL C 236 -14.07 -17.26 6.93
N THR C 237 -15.12 -16.76 7.57
CA THR C 237 -16.45 -17.31 7.32
C THR C 237 -17.26 -16.38 6.42
N VAL C 238 -18.24 -16.97 5.74
CA VAL C 238 -19.12 -16.15 4.91
C VAL C 238 -19.86 -15.13 5.76
N GLU C 239 -20.15 -15.49 7.02
CA GLU C 239 -20.84 -14.55 7.91
C GLU C 239 -19.94 -13.35 8.23
N GLN C 240 -18.65 -13.58 8.40
CA GLN C 240 -17.73 -12.48 8.66
C GLN C 240 -17.64 -11.53 7.48
N VAL C 241 -17.63 -12.07 6.25
CA VAL C 241 -17.67 -11.19 5.10
C VAL C 241 -18.97 -10.40 5.08
N GLY C 242 -20.08 -11.06 5.38
CA GLY C 242 -21.35 -10.36 5.46
C GLY C 242 -21.36 -9.28 6.52
N ASP C 243 -20.75 -9.56 7.67
CA ASP C 243 -20.71 -8.55 8.72
C ASP C 243 -19.89 -7.34 8.30
N ALA C 244 -18.85 -7.53 7.48
CA ALA C 244 -18.13 -6.37 6.96
C ALA C 244 -19.01 -5.58 5.99
N ALA C 245 -19.86 -6.28 5.22
CA ALA C 245 -20.77 -5.57 4.33
C ALA C 245 -21.81 -4.78 5.13
N VAL C 246 -22.34 -5.38 6.19
CA VAL C 246 -23.29 -4.65 7.04
C VAL C 246 -22.63 -3.40 7.60
N PHE C 247 -21.39 -3.52 8.05
CA PHE C 247 -20.69 -2.36 8.59
C PHE C 247 -20.57 -1.26 7.54
N LEU C 248 -20.15 -1.62 6.32
CA LEU C 248 -20.01 -0.63 5.27
C LEU C 248 -21.34 0.01 4.90
N ALA C 249 -22.45 -0.71 5.03
CA ALA C 249 -23.74 -0.15 4.67
C ALA C 249 -24.35 0.72 5.75
N SER C 250 -23.77 0.75 6.93
CA SER C 250 -24.35 1.38 8.11
CA SER C 250 -24.38 1.39 8.20
C SER C 250 -23.99 2.85 8.19
N PRO C 251 -24.73 3.62 8.99
CA PRO C 251 -24.47 5.07 9.07
C PRO C 251 -23.08 5.39 9.58
N GLY C 252 -22.49 4.52 10.40
CA GLY C 252 -21.15 4.75 10.90
C GLY C 252 -20.10 4.75 9.82
N ALA C 253 -20.44 4.25 8.63
CA ALA C 253 -19.54 4.22 7.48
C ALA C 253 -19.88 5.29 6.44
N ASP C 254 -20.64 6.33 6.85
CA ASP C 254 -20.99 7.39 5.90
C ASP C 254 -19.75 8.05 5.31
N MET C 255 -18.64 8.09 6.04
CA MET C 255 -17.43 8.76 5.57
C MET C 255 -16.29 7.78 5.30
N ILE C 256 -16.60 6.49 5.23
CA ILE C 256 -15.66 5.48 4.73
C ILE C 256 -15.85 5.46 3.22
N ARG C 257 -14.81 5.86 2.49
CA ARG C 257 -14.94 6.04 1.06
C ARG C 257 -13.66 5.61 0.34
N GLY C 258 -13.82 4.72 -0.63
CA GLY C 258 -12.71 4.36 -1.48
C GLY C 258 -11.70 3.47 -0.83
N THR C 259 -12.08 2.75 0.22
CA THR C 259 -11.11 1.98 0.95
C THR C 259 -11.41 0.49 0.88
N THR C 260 -10.49 -0.28 1.47
CA THR C 260 -10.61 -1.73 1.57
C THR C 260 -10.80 -2.13 3.02
N ILE C 261 -11.75 -3.03 3.25
CA ILE C 261 -11.93 -3.67 4.55
C ILE C 261 -11.40 -5.09 4.37
N THR C 262 -10.24 -5.37 4.94
CA THR C 262 -9.56 -6.64 4.73
C THR C 262 -9.85 -7.56 5.90
N VAL C 263 -10.39 -8.73 5.58
CA VAL C 263 -10.83 -9.73 6.56
C VAL C 263 -10.11 -11.01 6.16
N ASP C 264 -8.89 -11.21 6.69
CA ASP C 264 -8.00 -12.18 6.08
C ASP C 264 -7.13 -12.95 7.07
N GLY C 265 -7.40 -12.92 8.37
CA GLY C 265 -6.60 -13.68 9.28
C GLY C 265 -5.13 -13.30 9.30
N GLY C 266 -4.78 -12.09 8.84
CA GLY C 266 -3.41 -11.63 8.88
C GLY C 266 -2.63 -11.73 7.59
N TRP C 267 -3.24 -12.24 6.51
CA TRP C 267 -2.52 -12.49 5.26
C TRP C 267 -1.74 -11.27 4.79
N VAL C 268 -2.40 -10.12 4.69
CA VAL C 268 -1.76 -8.91 4.13
C VAL C 268 -0.89 -8.19 5.14
N ALA C 269 -1.05 -8.49 6.43
CA ALA C 269 -0.20 -7.88 7.44
C ALA C 269 1.24 -8.37 7.37
N GLN C 270 1.48 -9.55 6.80
CA GLN C 270 2.85 -10.04 6.64
C GLN C 270 3.28 -10.01 5.18
N ARG D 10 -26.62 -6.11 22.64
CA ARG D 10 -25.46 -5.24 22.82
C ARG D 10 -24.18 -6.07 22.78
N VAL D 11 -23.46 -5.94 21.66
CA VAL D 11 -22.47 -6.94 21.28
C VAL D 11 -21.25 -7.00 22.17
N LEU D 12 -21.04 -6.00 23.03
CA LEU D 12 -19.87 -5.99 23.91
C LEU D 12 -20.23 -6.13 25.38
N SER D 13 -21.42 -6.65 25.67
CA SER D 13 -21.88 -6.78 27.06
C SER D 13 -20.85 -7.51 27.92
N GLY D 14 -20.51 -6.90 29.06
CA GLY D 14 -19.62 -7.51 30.03
C GLY D 14 -18.15 -7.24 29.80
N ARG D 15 -17.74 -6.86 28.59
CA ARG D 15 -16.34 -6.63 28.31
C ARG D 15 -15.85 -5.37 28.98
N VAL D 16 -14.65 -5.43 29.53
CA VAL D 16 -14.00 -4.29 30.17
C VAL D 16 -13.06 -3.65 29.16
N ALA D 17 -13.24 -2.35 28.93
CA ALA D 17 -12.45 -1.60 27.96
C ALA D 17 -11.74 -0.45 28.64
N VAL D 18 -10.52 -0.19 28.19
CA VAL D 18 -9.75 0.99 28.58
C VAL D 18 -9.51 1.80 27.33
N VAL D 19 -9.84 3.09 27.38
CA VAL D 19 -9.60 4.01 26.28
C VAL D 19 -8.68 5.10 26.81
N THR D 20 -7.47 5.20 26.28
CA THR D 20 -6.54 6.22 26.74
C THR D 20 -6.89 7.57 26.11
N GLY D 21 -6.66 8.64 26.88
CA GLY D 21 -6.94 9.98 26.40
C GLY D 21 -8.37 10.16 25.96
N SER D 22 -9.33 9.94 26.86
CA SER D 22 -10.70 9.70 26.42
C SER D 22 -11.73 10.58 27.12
N ARG D 23 -11.33 11.69 27.72
CA ARG D 23 -12.29 12.63 28.27
C ARG D 23 -12.75 13.68 27.26
N LYS D 24 -12.21 13.67 26.05
CA LYS D 24 -12.62 14.61 25.02
C LYS D 24 -12.22 14.05 23.67
N GLY D 25 -12.69 14.70 22.61
CA GLY D 25 -12.24 14.35 21.28
C GLY D 25 -12.63 12.94 20.87
N ILE D 26 -11.77 12.35 20.04
CA ILE D 26 -12.06 11.03 19.48
C ILE D 26 -12.17 10.00 20.59
N GLY D 27 -11.29 10.08 21.59
CA GLY D 27 -11.31 9.10 22.65
C GLY D 27 -12.65 9.05 23.36
N LEU D 28 -13.23 10.22 23.62
CA LEU D 28 -14.55 10.23 24.24
C LEU D 28 -15.58 9.62 23.30
N GLY D 29 -15.50 9.92 22.01
CA GLY D 29 -16.42 9.32 21.07
C GLY D 29 -16.34 7.81 21.07
N ILE D 30 -15.12 7.28 21.14
CA ILE D 30 -14.93 5.83 21.21
C ILE D 30 -15.50 5.27 22.51
N ALA D 31 -15.18 5.91 23.64
CA ALA D 31 -15.69 5.42 24.92
C ALA D 31 -17.21 5.40 24.93
N MET D 32 -17.83 6.46 24.41
CA MET D 32 -19.28 6.49 24.33
C MET D 32 -19.81 5.33 23.50
N ARG D 33 -19.22 5.08 22.33
CA ARG D 33 -19.74 4.03 21.48
C ARG D 33 -19.53 2.65 22.08
N LEU D 34 -18.37 2.43 22.72
CA LEU D 34 -18.15 1.16 23.41
C LEU D 34 -19.18 0.95 24.50
N ALA D 35 -19.47 2.01 25.27
CA ALA D 35 -20.46 1.88 26.34
C ALA D 35 -21.84 1.63 25.77
N MET D 36 -22.19 2.32 24.68
CA MET D 36 -23.46 2.08 24.03
C MET D 36 -23.59 0.63 23.59
N ALA D 37 -22.48 0.02 23.16
CA ALA D 37 -22.49 -1.36 22.74
C ALA D 37 -22.41 -2.33 23.90
N GLY D 38 -22.33 -1.84 25.14
CA GLY D 38 -22.45 -2.67 26.33
C GLY D 38 -21.20 -2.85 27.15
N ALA D 39 -20.08 -2.24 26.75
CA ALA D 39 -18.83 -2.42 27.47
C ALA D 39 -18.75 -1.54 28.70
N ASP D 40 -18.13 -2.08 29.76
CA ASP D 40 -17.58 -1.25 30.82
C ASP D 40 -16.36 -0.51 30.29
N VAL D 41 -16.15 0.71 30.79
CA VAL D 41 -15.17 1.61 30.20
C VAL D 41 -14.43 2.39 31.28
N VAL D 42 -13.10 2.42 31.16
CA VAL D 42 -12.25 3.28 31.98
C VAL D 42 -11.76 4.42 31.11
N LEU D 43 -12.09 5.65 31.50
CA LEU D 43 -11.60 6.87 30.88
C LEU D 43 -10.24 7.23 31.44
N ASN D 44 -9.51 8.07 30.71
CA ASN D 44 -8.15 8.42 31.11
C ASN D 44 -7.74 9.75 30.50
N GLY D 45 -6.93 10.49 31.27
CA GLY D 45 -6.23 11.68 30.82
C GLY D 45 -5.05 11.89 31.74
N ARG D 46 -4.28 12.95 31.47
CA ARG D 46 -3.03 13.14 32.19
C ARG D 46 -3.27 13.40 33.68
N ARG D 47 -4.14 14.34 34.00
CA ARG D 47 -4.34 14.80 35.37
C ARG D 47 -5.82 14.81 35.70
N GLN D 48 -6.13 14.61 36.98
CA GLN D 48 -7.52 14.65 37.40
C GLN D 48 -8.14 16.00 37.05
N SER D 49 -9.41 15.97 36.67
CA SER D 49 -10.14 17.14 36.22
C SER D 49 -11.41 17.33 37.05
N PRO D 50 -11.79 18.57 37.37
CA PRO D 50 -13.09 18.78 38.02
C PRO D 50 -14.25 18.30 37.19
N GLU D 51 -14.08 18.20 35.87
CA GLU D 51 -15.13 17.68 34.99
C GLU D 51 -15.20 16.16 34.99
N ASP D 52 -14.30 15.46 35.69
CA ASP D 52 -14.27 14.00 35.59
C ASP D 52 -15.63 13.40 35.94
N SER D 53 -16.25 13.87 37.02
CA SER D 53 -17.51 13.27 37.45
C SER D 53 -18.59 13.42 36.38
N ALA D 54 -18.68 14.59 35.76
CA ALA D 54 -19.70 14.80 34.75
C ALA D 54 -19.45 13.94 33.51
N ILE D 55 -18.19 13.77 33.14
CA ILE D 55 -17.86 12.99 31.94
C ILE D 55 -18.17 11.52 32.18
N VAL D 56 -17.83 11.01 33.38
CA VAL D 56 -18.17 9.64 33.73
C VAL D 56 -19.68 9.45 33.67
N GLU D 57 -20.43 10.41 34.22
CA GLU D 57 -21.89 10.28 34.23
C GLU D 57 -22.44 10.24 32.82
N LYS D 58 -21.88 11.04 31.91
CA LYS D 58 -22.33 11.04 30.53
C LYS D 58 -22.11 9.69 29.87
N VAL D 59 -20.97 9.05 30.13
CA VAL D 59 -20.71 7.74 29.55
C VAL D 59 -21.52 6.67 30.26
N ALA D 60 -21.77 6.84 31.57
CA ALA D 60 -22.56 5.89 32.34
C ALA D 60 -24.05 5.93 31.99
N ALA D 61 -24.48 6.90 31.19
CA ALA D 61 -25.90 6.96 30.81
C ALA D 61 -26.35 5.70 30.08
N TYR D 62 -25.43 4.92 29.53
CA TYR D 62 -25.78 3.71 28.80
C TYR D 62 -25.78 2.46 29.66
N GLY D 63 -25.73 2.62 30.99
CA GLY D 63 -25.99 1.52 31.89
C GLY D 63 -24.84 0.57 32.16
N THR D 64 -23.61 0.92 31.80
CA THR D 64 -22.47 0.07 32.09
C THR D 64 -21.63 0.70 33.20
N ARG D 65 -20.59 -0.01 33.62
CA ARG D 65 -19.71 0.47 34.68
C ARG D 65 -18.64 1.36 34.07
N VAL D 66 -18.52 2.58 34.58
CA VAL D 66 -17.60 3.57 34.04
C VAL D 66 -16.74 4.11 35.16
N ARG D 67 -15.45 4.22 34.89
CA ARG D 67 -14.49 4.79 35.84
C ARG D 67 -13.61 5.78 35.08
N CYS D 68 -12.85 6.56 35.84
CA CYS D 68 -11.89 7.49 35.27
C CYS D 68 -10.61 7.40 36.10
N PHE D 69 -9.48 7.27 35.41
CA PHE D 69 -8.18 7.18 36.09
C PHE D 69 -7.18 8.08 35.41
N ALA D 70 -6.54 8.95 36.18
CA ALA D 70 -5.56 9.88 35.64
C ALA D 70 -4.20 9.21 35.56
N ALA D 71 -3.60 9.23 34.38
CA ALA D 71 -2.29 8.62 34.16
C ALA D 71 -1.69 9.21 32.89
N ASN D 72 -0.46 9.71 32.99
CA ASN D 72 0.27 10.21 31.83
C ASN D 72 0.84 9.01 31.08
N MET D 73 0.37 8.79 29.85
CA MET D 73 0.74 7.59 29.12
C MET D 73 2.20 7.56 28.69
N LYS D 74 2.91 8.70 28.76
CA LYS D 74 4.34 8.70 28.47
C LYS D 74 5.18 8.11 29.61
N ASP D 75 4.59 7.88 30.78
CA ASP D 75 5.28 7.32 31.94
C ASP D 75 4.86 5.87 32.08
N ARG D 76 5.81 4.95 31.84
CA ARG D 76 5.43 3.54 31.84
C ARG D 76 4.83 3.13 33.18
N ALA D 77 5.33 3.70 34.27
CA ALA D 77 4.80 3.37 35.59
C ALA D 77 3.34 3.77 35.71
N GLN D 78 2.96 4.92 35.12
CA GLN D 78 1.57 5.35 35.17
C GLN D 78 0.70 4.53 34.22
N VAL D 79 1.25 4.07 33.09
CA VAL D 79 0.51 3.14 32.26
C VAL D 79 0.17 1.90 33.05
N GLU D 80 1.15 1.38 33.80
CA GLU D 80 0.92 0.20 34.62
C GLU D 80 -0.13 0.47 35.69
N ALA D 81 -0.09 1.66 36.28
CA ALA D 81 -1.08 2.01 37.30
C ALA D 81 -2.49 2.02 36.74
N LEU D 82 -2.64 2.50 35.50
CA LEU D 82 -3.93 2.50 34.84
C LEU D 82 -4.45 1.09 34.63
N ILE D 83 -3.58 0.18 34.19
CA ILE D 83 -4.02 -1.20 33.98
C ILE D 83 -4.36 -1.86 35.31
N LYS D 84 -3.52 -1.66 36.33
CA LYS D 84 -3.80 -2.25 37.64
C LYS D 84 -5.09 -1.69 38.24
N PHE D 85 -5.29 -0.36 38.12
CA PHE D 85 -6.54 0.22 38.60
C PHE D 85 -7.74 -0.45 37.95
N THR D 86 -7.68 -0.65 36.63
CA THR D 86 -8.79 -1.28 35.93
C THR D 86 -9.03 -2.70 36.42
N GLU D 87 -7.94 -3.44 36.65
CA GLU D 87 -8.06 -4.83 37.09
C GLU D 87 -8.74 -4.92 38.44
N LYS D 88 -8.45 -3.98 39.35
CA LYS D 88 -9.04 -4.04 40.68
C LYS D 88 -10.48 -3.52 40.69
N GLU D 89 -10.78 -2.51 39.86
CA GLU D 89 -12.09 -1.88 39.89
C GLU D 89 -13.13 -2.64 39.09
N LEU D 90 -12.78 -3.09 37.89
CA LEU D 90 -13.74 -3.71 36.99
C LEU D 90 -13.38 -5.14 36.60
N GLY D 91 -12.09 -5.45 36.46
CA GLY D 91 -11.65 -6.77 36.08
C GLY D 91 -10.65 -6.69 34.95
N ALA D 92 -10.33 -7.86 34.38
CA ALA D 92 -9.28 -7.92 33.39
C ALA D 92 -9.59 -7.02 32.20
N VAL D 93 -8.54 -6.37 31.68
CA VAL D 93 -8.69 -5.53 30.50
C VAL D 93 -8.84 -6.43 29.28
N GLU D 94 -10.00 -6.34 28.62
CA GLU D 94 -10.29 -7.15 27.45
C GLU D 94 -10.22 -6.38 26.14
N ILE D 95 -10.57 -5.10 26.17
CA ILE D 95 -10.47 -4.21 25.02
C ILE D 95 -9.55 -3.05 25.42
N LEU D 96 -8.42 -2.93 24.75
CA LEU D 96 -7.48 -1.83 24.93
C LEU D 96 -7.54 -0.95 23.68
N VAL D 97 -7.88 0.32 23.87
CA VAL D 97 -7.89 1.28 22.79
C VAL D 97 -6.79 2.31 23.08
N ASN D 98 -5.75 2.30 22.24
CA ASN D 98 -4.64 3.24 22.40
C ASN D 98 -4.97 4.46 21.56
N ASN D 99 -5.45 5.51 22.22
CA ASN D 99 -5.96 6.69 21.55
C ASN D 99 -5.19 7.97 21.88
N ALA D 100 -4.68 8.12 23.09
CA ALA D 100 -4.01 9.36 23.48
C ALA D 100 -2.92 9.72 22.47
N GLY D 101 -2.92 10.98 22.03
CA GLY D 101 -1.91 11.43 21.09
C GLY D 101 -1.88 12.93 20.99
N ILE D 102 -0.76 13.45 20.46
CA ILE D 102 -0.53 14.87 20.32
C ILE D 102 0.01 15.15 18.93
N GLN D 103 -0.04 16.43 18.55
CA GLN D 103 0.43 16.91 17.26
C GLN D 103 1.33 18.12 17.49
N HIS D 104 2.32 18.28 16.62
CA HIS D 104 3.09 19.52 16.55
C HIS D 104 3.46 19.78 15.10
N VAL D 105 3.08 20.94 14.59
CA VAL D 105 3.27 21.28 13.18
C VAL D 105 4.51 22.14 13.04
N SER D 106 5.48 21.67 12.25
CA SER D 106 6.71 22.40 12.00
C SER D 106 7.42 21.78 10.80
N PRO D 107 8.13 22.59 10.00
CA PRO D 107 9.01 22.02 8.98
C PRO D 107 10.10 21.20 9.64
N VAL D 108 10.70 20.31 8.85
CA VAL D 108 11.68 19.38 9.42
C VAL D 108 12.85 20.14 10.01
N GLU D 109 13.31 21.20 9.35
CA GLU D 109 14.58 21.82 9.72
C GLU D 109 14.53 22.40 11.13
N THR D 110 13.37 22.88 11.56
CA THR D 110 13.20 23.56 12.83
C THR D 110 12.33 22.77 13.80
N PHE D 111 12.06 21.50 13.50
CA PHE D 111 11.24 20.67 14.38
C PHE D 111 11.95 20.53 15.72
N PRO D 112 11.35 20.96 16.83
CA PRO D 112 12.04 20.90 18.12
C PRO D 112 12.36 19.46 18.53
N SER D 113 13.60 19.24 18.97
CA SER D 113 14.00 17.90 19.34
CA SER D 113 14.01 17.89 19.33
C SER D 113 13.09 17.31 20.40
N ASP D 114 12.72 18.11 21.40
CA ASP D 114 11.86 17.65 22.47
C ASP D 114 10.47 17.25 21.96
N LYS D 115 9.91 18.05 21.05
CA LYS D 115 8.60 17.73 20.49
C LYS D 115 8.64 16.46 19.66
N TRP D 116 9.69 16.26 18.86
CA TRP D 116 9.84 14.99 18.15
C TRP D 116 9.79 13.83 19.16
N ASP D 117 10.60 13.92 20.21
CA ASP D 117 10.69 12.81 21.17
C ASP D 117 9.34 12.59 21.86
N GLU D 118 8.65 13.67 22.21
CA GLU D 118 7.36 13.54 22.88
C GLU D 118 6.31 12.87 21.99
N ILE D 119 6.28 13.23 20.70
CA ILE D 119 5.33 12.62 19.77
C ILE D 119 5.62 11.13 19.61
N ILE D 120 6.89 10.77 19.45
CA ILE D 120 7.23 9.35 19.37
C ILE D 120 6.81 8.64 20.67
N ALA D 121 7.09 9.27 21.81
CA ALA D 121 6.84 8.63 23.10
C ALA D 121 5.36 8.35 23.30
N LEU D 122 4.51 9.33 23.01
CA LEU D 122 3.09 9.15 23.25
C LEU D 122 2.41 8.40 22.13
N ASN D 123 2.64 8.83 20.89
CA ASN D 123 1.87 8.33 19.75
C ASN D 123 2.30 6.94 19.33
N LEU D 124 3.51 6.50 19.69
CA LEU D 124 3.96 5.15 19.36
C LEU D 124 4.35 4.32 20.59
N THR D 125 5.31 4.79 21.39
CA THR D 125 5.87 3.92 22.40
C THR D 125 4.87 3.63 23.52
N SER D 126 4.01 4.58 23.87
CA SER D 126 3.05 4.28 24.94
C SER D 126 2.10 3.17 24.53
N ALA D 127 1.77 3.06 23.24
CA ALA D 127 0.90 1.97 22.79
C ALA D 127 1.60 0.62 22.95
N PHE D 128 2.90 0.56 22.68
CA PHE D 128 3.68 -0.65 22.96
C PHE D 128 3.63 -1.00 24.44
N HIS D 129 3.88 -0.01 25.31
CA HIS D 129 3.88 -0.27 26.74
C HIS D 129 2.52 -0.82 27.20
N ALA D 130 1.43 -0.17 26.80
CA ALA D 130 0.11 -0.63 27.25
C ALA D 130 -0.18 -2.02 26.70
N THR D 131 0.17 -2.27 25.44
CA THR D 131 -0.09 -3.57 24.84
C THR D 131 0.69 -4.65 25.56
N GLN D 132 1.96 -4.39 25.87
CA GLN D 132 2.79 -5.37 26.54
C GLN D 132 2.18 -5.76 27.88
N LEU D 133 1.60 -4.79 28.59
CA LEU D 133 1.05 -5.03 29.92
C LEU D 133 -0.27 -5.78 29.88
N CYS D 134 -1.03 -5.63 28.79
CA CYS D 134 -2.35 -6.25 28.69
C CYS D 134 -2.34 -7.62 28.03
N LEU D 135 -1.34 -7.93 27.22
CA LEU D 135 -1.37 -9.19 26.47
C LEU D 135 -1.38 -10.43 27.36
N PRO D 136 -0.58 -10.52 28.43
CA PRO D 136 -0.58 -11.77 29.20
C PRO D 136 -1.97 -12.17 29.68
N SER D 137 -2.74 -11.24 30.21
CA SER D 137 -4.09 -11.57 30.66
C SER D 137 -4.97 -12.00 29.49
N MET D 138 -4.87 -11.30 28.36
CA MET D 138 -5.70 -11.67 27.20
C MET D 138 -5.37 -13.08 26.73
N ARG D 139 -4.08 -13.43 26.69
CA ARG D 139 -3.70 -14.79 26.32
C ARG D 139 -4.26 -15.80 27.32
N GLN D 140 -4.17 -15.49 28.61
CA GLN D 140 -4.69 -16.41 29.62
C GLN D 140 -6.16 -16.71 29.39
N ARG D 141 -6.94 -15.69 29.05
CA ARG D 141 -8.39 -15.82 28.94
C ARG D 141 -8.84 -16.24 27.55
N GLY D 142 -7.96 -16.18 26.55
CA GLY D 142 -8.32 -16.59 25.21
C GLY D 142 -9.09 -15.58 24.40
N TRP D 143 -9.15 -14.32 24.84
CA TRP D 143 -9.87 -13.29 24.11
C TRP D 143 -9.19 -11.94 24.33
N GLY D 144 -9.20 -11.11 23.29
CA GLY D 144 -8.70 -9.77 23.44
C GLY D 144 -8.89 -8.90 22.22
N ARG D 145 -8.97 -7.59 22.43
CA ARG D 145 -8.97 -6.63 21.33
C ARG D 145 -7.99 -5.52 21.67
N ILE D 146 -7.03 -5.29 20.80
CA ILE D 146 -6.15 -4.13 20.88
C ILE D 146 -6.44 -3.29 19.65
N ILE D 147 -6.90 -2.06 19.88
CA ILE D 147 -7.34 -1.16 18.82
C ILE D 147 -6.48 0.09 18.93
N ASN D 148 -5.65 0.33 17.91
CA ASN D 148 -4.72 1.45 17.89
C ASN D 148 -5.29 2.54 17.02
N ILE D 149 -5.42 3.75 17.58
CA ILE D 149 -5.90 4.90 16.83
C ILE D 149 -4.68 5.52 16.14
N ALA D 150 -4.51 5.18 14.87
CA ALA D 150 -3.48 5.67 13.98
C ALA D 150 -4.06 6.92 13.31
N SER D 151 -3.77 7.09 12.03
CA SER D 151 -4.22 8.21 11.23
C SER D 151 -4.00 7.87 9.77
N VAL D 152 -4.65 8.62 8.87
CA VAL D 152 -4.21 8.64 7.48
C VAL D 152 -2.72 8.98 7.41
N GLN D 153 -2.22 9.77 8.36
CA GLN D 153 -0.81 10.15 8.41
C GLN D 153 0.09 8.96 8.74
N GLY D 154 -0.50 7.81 9.05
CA GLY D 154 0.24 6.57 9.16
C GLY D 154 0.36 5.79 7.87
N LEU D 155 -0.31 6.24 6.83
CA LEU D 155 -0.30 5.61 5.51
C LEU D 155 0.29 6.49 4.43
N VAL D 156 0.22 7.81 4.59
CA VAL D 156 0.79 8.78 3.66
C VAL D 156 1.45 9.88 4.49
N GLY D 157 2.25 10.70 3.82
CA GLY D 157 2.88 11.83 4.46
C GLY D 157 2.13 13.12 4.21
N SER D 158 2.35 14.08 5.10
CA SER D 158 1.88 15.45 4.92
C SER D 158 2.98 16.41 5.37
N MET D 159 3.08 17.56 4.69
CA MET D 159 4.11 18.51 5.04
C MET D 159 3.96 18.99 6.48
N ASN D 160 5.10 19.21 7.13
CA ASN D 160 5.20 19.82 8.46
C ASN D 160 4.73 18.92 9.57
N LYS D 161 4.60 17.62 9.30
CA LYS D 161 4.12 16.66 10.28
C LYS D 161 5.03 15.45 10.35
N SER D 162 6.33 15.70 10.29
CA SER D 162 7.31 14.62 10.19
C SER D 162 7.23 13.68 11.38
N ALA D 163 7.26 14.23 12.60
CA ALA D 163 7.25 13.35 13.77
C ALA D 163 5.95 12.56 13.86
N TYR D 164 4.83 13.22 13.60
CA TYR D 164 3.53 12.57 13.72
C TYR D 164 3.36 11.50 12.65
N CYS D 165 3.73 11.79 11.40
CA CYS D 165 3.62 10.76 10.38
C CYS D 165 4.53 9.58 10.70
N ALA D 166 5.73 9.87 11.21
CA ALA D 166 6.62 8.78 11.60
C ALA D 166 6.00 7.92 12.69
N ALA D 167 5.47 8.57 13.74
CA ALA D 167 4.90 7.82 14.85
C ALA D 167 3.70 7.00 14.39
N LYS D 168 2.86 7.58 13.54
CA LYS D 168 1.63 6.91 13.11
C LYS D 168 1.94 5.77 12.14
N HIS D 169 2.90 5.98 11.24
CA HIS D 169 3.39 4.87 10.43
C HIS D 169 3.90 3.75 11.35
N GLY D 170 4.70 4.14 12.35
CA GLY D 170 5.23 3.14 13.27
C GLY D 170 4.14 2.39 14.02
N LEU D 171 3.07 3.09 14.42
CA LEU D 171 1.99 2.45 15.14
C LEU D 171 1.29 1.41 14.28
N ILE D 172 1.20 1.67 12.98
CA ILE D 172 0.60 0.70 12.07
C ILE D 172 1.52 -0.50 11.91
N GLY D 173 2.83 -0.27 11.83
CA GLY D 173 3.75 -1.39 11.79
C GLY D 173 3.67 -2.24 13.05
N PHE D 174 3.61 -1.59 14.21
CA PHE D 174 3.45 -2.31 15.47
C PHE D 174 2.18 -3.14 15.47
N THR D 175 1.09 -2.56 14.96
CA THR D 175 -0.18 -3.27 14.89
C THR D 175 -0.04 -4.58 14.14
N LYS D 176 0.64 -4.56 13.00
CA LYS D 176 0.80 -5.77 12.21
C LYS D 176 1.53 -6.84 13.00
N VAL D 177 2.61 -6.47 13.70
CA VAL D 177 3.40 -7.47 14.41
C VAL D 177 2.59 -8.09 15.53
N VAL D 178 1.92 -7.26 16.33
CA VAL D 178 1.11 -7.78 17.43
C VAL D 178 0.08 -8.77 16.88
N ALA D 179 -0.55 -8.42 15.76
CA ALA D 179 -1.56 -9.27 15.16
C ALA D 179 -0.96 -10.59 14.71
N LEU D 180 0.23 -10.56 14.12
CA LEU D 180 0.86 -11.79 13.66
C LEU D 180 1.28 -12.66 14.84
N GLU D 181 1.72 -12.05 15.94
CA GLU D 181 2.12 -12.84 17.10
C GLU D 181 0.93 -13.45 17.83
N THR D 182 -0.29 -12.96 17.57
CA THR D 182 -1.49 -13.47 18.22
C THR D 182 -2.46 -14.10 17.23
N ALA D 183 -1.99 -14.41 16.01
CA ALA D 183 -2.91 -14.72 14.93
C ALA D 183 -3.70 -16.00 15.15
N THR D 184 -3.15 -16.96 15.90
CA THR D 184 -3.84 -18.22 16.15
C THR D 184 -4.62 -18.21 17.46
N THR D 185 -4.78 -17.04 18.07
CA THR D 185 -5.52 -16.88 19.31
C THR D 185 -6.82 -16.11 19.07
N GLY D 186 -7.58 -15.93 20.14
CA GLY D 186 -8.75 -15.08 20.13
C GLY D 186 -8.46 -13.62 20.37
N ILE D 187 -7.19 -13.21 20.28
CA ILE D 187 -6.78 -11.83 20.40
C ILE D 187 -6.51 -11.27 19.01
N THR D 188 -7.13 -10.13 18.69
CA THR D 188 -6.81 -9.40 17.47
C THR D 188 -6.20 -8.05 17.81
N CYS D 189 -5.40 -7.52 16.87
CA CYS D 189 -4.88 -6.17 16.95
C CYS D 189 -5.02 -5.52 15.58
N ASN D 190 -5.62 -4.33 15.56
CA ASN D 190 -5.89 -3.60 14.34
C ASN D 190 -5.77 -2.11 14.61
N ALA D 191 -5.71 -1.32 13.55
CA ALA D 191 -5.62 0.13 13.67
C ALA D 191 -6.80 0.77 12.96
N ILE D 192 -7.28 1.88 13.53
CA ILE D 192 -8.23 2.76 12.86
C ILE D 192 -7.43 3.96 12.36
N CYS D 193 -7.66 4.34 11.11
CA CYS D 193 -6.96 5.47 10.49
C CYS D 193 -7.99 6.54 10.13
N PRO D 194 -8.31 7.46 11.03
CA PRO D 194 -9.20 8.56 10.65
C PRO D 194 -8.48 9.58 9.79
N GLY D 195 -9.24 10.21 8.91
CA GLY D 195 -8.88 11.50 8.37
C GLY D 195 -9.25 12.58 9.36
N TYR D 196 -9.40 13.80 8.86
CA TYR D 196 -9.65 14.92 9.75
C TYR D 196 -10.99 14.79 10.47
N VAL D 197 -10.94 15.01 11.80
CA VAL D 197 -12.07 15.04 12.72
C VAL D 197 -11.99 16.38 13.44
N TYR D 198 -13.12 17.04 13.64
CA TYR D 198 -13.09 18.38 14.25
C TYR D 198 -13.00 18.27 15.77
N THR D 199 -11.77 18.08 16.25
CA THR D 199 -11.39 18.11 17.65
C THR D 199 -10.48 19.31 17.91
N PRO D 200 -10.14 19.58 19.16
CA PRO D 200 -9.18 20.67 19.42
C PRO D 200 -7.84 20.47 18.74
N LEU D 201 -7.42 19.21 18.56
CA LEU D 201 -6.17 18.94 17.85
C LEU D 201 -6.19 19.53 16.46
N VAL D 202 -7.33 19.46 15.78
CA VAL D 202 -7.46 20.05 14.45
C VAL D 202 -7.82 21.52 14.53
N GLU D 203 -8.70 21.90 15.46
CA GLU D 203 -9.13 23.29 15.53
C GLU D 203 -7.93 24.22 15.74
N GLU D 204 -6.97 23.81 16.57
CA GLU D 204 -5.79 24.63 16.78
C GLU D 204 -5.02 24.84 15.48
N GLN D 205 -4.96 23.82 14.62
CA GLN D 205 -4.28 23.98 13.33
C GLN D 205 -5.05 24.92 12.41
N ILE D 206 -6.38 24.83 12.42
CA ILE D 206 -7.17 25.71 11.57
C ILE D 206 -7.01 27.17 12.03
N LYS D 207 -6.95 27.39 13.34
CA LYS D 207 -6.75 28.75 13.85
C LYS D 207 -5.45 29.33 13.31
N ALA D 208 -4.38 28.54 13.33
CA ALA D 208 -3.09 29.02 12.84
C ALA D 208 -3.16 29.36 11.35
N VAL D 209 -3.82 28.51 10.58
CA VAL D 209 -4.00 28.78 9.15
C VAL D 209 -4.84 30.03 8.94
N ALA D 210 -5.92 30.17 9.72
CA ALA D 210 -6.79 31.33 9.55
C ALA D 210 -6.02 32.62 9.79
N GLU D 211 -5.24 32.67 10.87
CA GLU D 211 -4.46 33.87 11.17
C GLU D 211 -3.41 34.11 10.09
N ALA D 212 -2.80 33.05 9.57
CA ALA D 212 -1.68 33.22 8.65
C ALA D 212 -2.15 33.66 7.26
N LYS D 213 -3.27 33.10 6.78
CA LYS D 213 -3.63 33.26 5.38
C LYS D 213 -4.97 33.92 5.12
N TYR D 214 -5.90 33.86 6.07
CA TYR D 214 -7.28 34.24 5.77
C TYR D 214 -7.80 35.32 6.70
N GLY D 215 -6.91 36.10 7.31
CA GLY D 215 -7.34 37.23 8.11
C GLY D 215 -8.19 36.85 9.29
N GLY D 216 -8.01 35.65 9.82
CA GLY D 216 -8.75 35.17 10.97
C GLY D 216 -10.06 34.49 10.67
N ASP D 217 -10.42 34.34 9.39
CA ASP D 217 -11.73 33.83 8.99
C ASP D 217 -11.72 32.32 9.12
N MET D 218 -12.38 31.81 10.17
CA MET D 218 -12.33 30.38 10.43
C MET D 218 -13.14 29.58 9.42
N GLU D 219 -14.22 30.15 8.89
CA GLU D 219 -15.02 29.42 7.91
C GLU D 219 -14.24 29.22 6.62
N ALA D 220 -13.54 30.25 6.16
CA ALA D 220 -12.69 30.13 4.99
C ALA D 220 -11.53 29.16 5.25
N ALA D 221 -10.87 29.33 6.40
CA ALA D 221 -9.72 28.50 6.74
C ALA D 221 -10.13 27.05 6.92
N THR D 222 -11.28 26.80 7.54
CA THR D 222 -11.71 25.41 7.75
C THR D 222 -11.90 24.72 6.42
N GLN D 223 -12.53 25.39 5.45
CA GLN D 223 -12.72 24.78 4.15
C GLN D 223 -11.38 24.56 3.44
N ALA D 224 -10.47 25.54 3.49
CA ALA D 224 -9.19 25.37 2.83
C ALA D 224 -8.41 24.22 3.44
N PHE D 225 -8.42 24.15 4.78
CA PHE D 225 -7.72 23.08 5.51
C PHE D 225 -8.29 21.72 5.15
N LEU D 226 -9.61 21.61 5.20
CA LEU D 226 -10.27 20.33 4.95
C LEU D 226 -10.12 19.90 3.50
N CYS D 227 -10.31 20.81 2.56
CA CYS D 227 -10.32 20.44 1.16
C CYS D 227 -8.93 20.21 0.59
N GLU D 228 -7.88 20.62 1.29
CA GLU D 228 -6.54 20.28 0.83
C GLU D 228 -6.34 18.77 0.79
N LYS D 229 -7.01 18.03 1.68
CA LYS D 229 -6.69 16.63 1.92
C LYS D 229 -7.86 15.68 1.79
N GLN D 230 -9.09 16.13 2.00
CA GLN D 230 -10.22 15.24 2.29
C GLN D 230 -11.27 15.41 1.21
N PRO D 231 -11.36 14.48 0.27
CA PRO D 231 -12.25 14.69 -0.90
C PRO D 231 -13.72 14.87 -0.56
N ALA D 232 -14.18 14.29 0.56
CA ALA D 232 -15.56 14.46 0.98
C ALA D 232 -15.90 15.90 1.34
N LYS D 233 -14.90 16.75 1.59
CA LYS D 233 -15.12 18.15 1.96
C LYS D 233 -16.01 18.24 3.20
N ALA D 234 -15.84 17.27 4.09
CA ALA D 234 -16.58 17.16 5.33
C ALA D 234 -15.66 16.46 6.32
N PHE D 235 -15.86 16.77 7.60
CA PHE D 235 -15.10 16.08 8.63
C PHE D 235 -15.68 14.69 8.91
N VAL D 236 -14.78 13.77 9.23
CA VAL D 236 -15.15 12.54 9.94
C VAL D 236 -15.57 12.90 11.37
N THR D 237 -16.47 12.12 11.95
CA THR D 237 -16.96 12.44 13.29
C THR D 237 -16.42 11.47 14.33
N VAL D 238 -16.42 11.93 15.59
CA VAL D 238 -15.94 11.06 16.67
C VAL D 238 -16.87 9.85 16.80
N GLU D 239 -18.15 10.01 16.48
CA GLU D 239 -19.08 8.89 16.54
C GLU D 239 -18.74 7.84 15.49
N GLN D 240 -18.32 8.28 14.30
CA GLN D 240 -17.91 7.34 13.26
C GLN D 240 -16.67 6.56 13.68
N VAL D 241 -15.68 7.23 14.26
CA VAL D 241 -14.50 6.51 14.73
C VAL D 241 -14.90 5.52 15.81
N GLY D 242 -15.78 5.94 16.73
CA GLY D 242 -16.29 5.02 17.73
C GLY D 242 -17.00 3.82 17.12
N ASP D 243 -17.76 4.05 16.05
CA ASP D 243 -18.44 2.92 15.40
C ASP D 243 -17.44 1.95 14.78
N ALA D 244 -16.32 2.45 14.27
CA ALA D 244 -15.29 1.55 13.75
C ALA D 244 -14.67 0.74 14.87
N ALA D 245 -14.48 1.34 16.05
CA ALA D 245 -13.94 0.62 17.20
C ALA D 245 -14.88 -0.49 17.63
N VAL D 246 -16.18 -0.20 17.68
CA VAL D 246 -17.15 -1.22 18.05
C VAL D 246 -17.13 -2.36 17.04
N PHE D 247 -17.05 -2.03 15.75
CA PHE D 247 -16.97 -3.08 14.73
C PHE D 247 -15.76 -3.97 14.97
N LEU D 248 -14.58 -3.37 15.19
CA LEU D 248 -13.40 -4.18 15.40
C LEU D 248 -13.50 -5.00 16.67
N ALA D 249 -14.21 -4.51 17.68
CA ALA D 249 -14.32 -5.21 18.95
C ALA D 249 -15.32 -6.35 18.92
N SER D 250 -16.11 -6.48 17.85
CA SER D 250 -17.25 -7.40 17.79
C SER D 250 -16.86 -8.74 17.22
N PRO D 251 -17.75 -9.74 17.34
CA PRO D 251 -17.42 -11.07 16.80
C PRO D 251 -17.28 -11.11 15.29
N GLY D 252 -17.97 -10.23 14.57
CA GLY D 252 -17.79 -10.18 13.13
C GLY D 252 -16.36 -9.93 12.74
N ALA D 253 -15.53 -9.45 13.67
CA ALA D 253 -14.15 -9.07 13.41
C ALA D 253 -13.13 -10.03 14.03
N ASP D 254 -13.57 -11.25 14.42
CA ASP D 254 -12.64 -12.23 14.97
C ASP D 254 -11.48 -12.54 14.04
N MET D 255 -11.68 -12.42 12.72
CA MET D 255 -10.65 -12.71 11.74
C MET D 255 -10.12 -11.47 11.04
N ILE D 256 -10.45 -10.29 11.53
CA ILE D 256 -9.80 -9.06 11.10
C ILE D 256 -8.55 -8.92 11.97
N ARG D 257 -7.38 -8.99 11.35
CA ARG D 257 -6.12 -9.08 12.10
C ARG D 257 -5.02 -8.32 11.38
N GLY D 258 -4.43 -7.35 12.08
CA GLY D 258 -3.26 -6.67 11.58
C GLY D 258 -3.54 -5.66 10.50
N THR D 259 -4.76 -5.16 10.42
CA THR D 259 -5.16 -4.32 9.31
C THR D 259 -5.52 -2.93 9.79
N THR D 260 -5.83 -2.08 8.81
CA THR D 260 -6.23 -0.70 9.02
C THR D 260 -7.67 -0.55 8.56
N ILE D 261 -8.48 0.11 9.38
CA ILE D 261 -9.83 0.52 9.01
C ILE D 261 -9.76 2.03 8.83
N THR D 262 -9.77 2.48 7.58
CA THR D 262 -9.51 3.87 7.24
C THR D 262 -10.85 4.58 7.04
N VAL D 263 -11.07 5.62 7.83
CA VAL D 263 -12.34 6.35 7.88
C VAL D 263 -11.94 7.80 7.61
N ASP D 264 -11.91 8.18 6.32
CA ASP D 264 -11.15 9.37 5.96
C ASP D 264 -11.75 10.20 4.83
N GLY D 265 -13.01 9.97 4.45
CA GLY D 265 -13.63 10.76 3.42
C GLY D 265 -12.96 10.69 2.07
N GLY D 266 -12.16 9.64 1.84
CA GLY D 266 -11.50 9.45 0.56
C GLY D 266 -10.05 9.89 0.48
N TRP D 267 -9.47 10.35 1.59
CA TRP D 267 -8.11 10.90 1.56
C TRP D 267 -7.10 9.94 0.93
N VAL D 268 -7.04 8.69 1.42
CA VAL D 268 -6.02 7.75 0.94
C VAL D 268 -6.40 7.11 -0.38
N ALA D 269 -7.67 7.21 -0.77
CA ALA D 269 -8.09 6.70 -2.06
C ALA D 269 -7.48 7.47 -3.24
N GLN D 270 -7.09 8.73 -3.04
CA GLN D 270 -6.46 9.50 -4.09
C GLN D 270 -4.98 9.71 -3.80
PA NDP E . 25.00 -4.93 10.27
O1A NDP E . 24.66 -5.24 11.69
O2A NDP E . 25.66 -5.96 9.40
O5B NDP E . 25.91 -3.56 10.18
C5B NDP E . 25.42 -2.64 11.13
C4B NDP E . 26.24 -1.36 10.90
O4B NDP E . 25.67 -0.26 11.65
C3B NDP E . 27.73 -1.55 11.38
O3B NDP E . 28.58 -0.98 10.40
C2B NDP E . 27.84 -0.77 12.72
O2B NDP E . 29.04 -0.13 12.92
C1B NDP E . 26.72 0.32 12.44
N9A NDP E . 26.11 0.83 13.69
C8A NDP E . 25.34 0.17 14.64
N7A NDP E . 24.93 0.97 15.65
C5A NDP E . 25.48 2.21 15.33
C6A NDP E . 25.45 3.44 15.96
N6A NDP E . 24.77 3.63 17.12
N1A NDP E . 26.07 4.51 15.44
C2A NDP E . 26.72 4.29 14.26
N3A NDP E . 26.86 3.19 13.54
C4A NDP E . 26.22 2.13 14.11
O3 NDP E . 23.44 -4.58 9.75
PN NDP E . 23.15 -4.57 8.15
O1N NDP E . 22.27 -5.71 7.83
O2N NDP E . 24.18 -4.00 7.21
O5D NDP E . 21.91 -3.35 8.18
C5D NDP E . 22.26 -2.13 7.69
C4D NDP E . 20.93 -1.42 7.45
O4D NDP E . 20.12 -2.18 6.55
C3D NDP E . 20.15 -1.38 8.78
O3D NDP E . 19.36 -0.18 8.82
C2D NDP E . 19.15 -2.56 8.74
O2D NDP E . 17.99 -2.35 9.36
C1D NDP E . 18.87 -2.48 7.20
N1N NDP E . 18.37 -3.69 6.60
C2N NDP E . 19.08 -4.89 6.67
C3N NDP E . 18.57 -6.00 6.05
C7N NDP E . 19.25 -7.28 6.08
O7N NDP E . 18.66 -8.32 5.74
N7N NDP E . 20.56 -7.36 6.47
C4N NDP E . 17.27 -6.01 5.36
C5N NDP E . 16.62 -4.72 5.34
C6N NDP E . 17.13 -3.64 5.92
P2B NDP E . 29.96 -0.62 14.14
O1X NDP E . 29.81 0.53 15.08
O2X NDP E . 29.39 -1.96 14.62
O3X NDP E . 31.25 -0.68 13.36
H51A NDP E . 25.48 -2.97 12.03
H52A NDP E . 24.48 -2.46 10.95
H4B NDP E . 26.19 -1.12 9.97
H3B NDP E . 27.96 -2.48 11.55
HO3A NDP E . 29.31 -1.40 10.45
H2B NDP E . 27.52 -1.34 13.42
H1B NDP E . 27.10 1.08 11.98
H8A NDP E . 25.13 -0.73 14.55
H61A NDP E . 25.18 3.44 17.87
H62A NDP E . 23.97 3.92 17.11
H2A NDP E . 27.15 5.05 13.93
H51N NDP E . 22.72 -2.22 6.85
H52N NDP E . 22.86 -1.63 8.27
H4D NDP E . 21.09 -0.54 7.09
H3D NDP E . 20.75 -1.47 9.54
HO3N NDP E . 19.79 0.35 9.34
H2D NDP E . 19.56 -3.42 8.99
HO2N NDP E . 18.19 -1.91 10.08
H1D NDP E . 18.25 -1.77 6.99
H2N NDP E . 19.89 -4.90 7.10
H71N NDP E . 20.96 -8.12 6.47
H72N NDP E . 21.00 -6.66 6.70
H41N NDP E . 16.70 -6.66 5.72
H42N NDP E . 17.43 -6.29 4.46
H5N NDP E . 15.80 -4.65 4.89
H6N NDP E . 16.71 -2.82 5.90
C1 MLI F . 16.20 -7.76 8.41
C2 MLI F . 15.17 -7.04 7.55
C3 MLI F . 15.50 -8.34 9.66
O6 MLI F . 14.59 -7.73 6.68
O7 MLI F . 14.99 -5.82 7.76
O8 MLI F . 16.19 -8.48 10.70
O9 MLI F . 14.29 -8.62 9.56
H11 MLI F . 16.90 -7.15 8.70
H12 MLI F . 16.61 -8.49 7.94
C1 EDO G . 2.11 -6.08 0.68
O1 EDO G . 2.95 -7.22 0.78
C2 EDO G . 1.24 -5.98 1.93
O2 EDO G . 0.90 -7.31 2.35
H11 EDO G . 2.70 -5.17 0.59
H12 EDO G . 1.47 -6.16 -0.20
HO1 EDO G . 3.49 -7.30 -0.02
H21 EDO G . 0.33 -5.42 1.71
H22 EDO G . 1.77 -5.47 2.73
HO2 EDO G . 0.37 -7.27 3.16
C1 EDO H . 8.12 4.11 -44.61
O1 EDO H . 7.02 4.14 -43.70
C2 EDO H . 9.38 4.43 -43.81
O2 EDO H . 9.06 5.50 -42.92
H11 EDO H . 8.21 3.12 -45.06
H12 EDO H . 7.98 4.84 -45.40
HO1 EDO H . 6.19 4.27 -44.19
H21 EDO H . 9.71 3.55 -43.25
H22 EDO H . 10.19 4.73 -44.48
HO2 EDO H . 9.81 6.09 -42.83
C1 EDO I . -2.22 5.80 -0.96
O1 EDO I . -2.97 7.01 -0.78
C2 EDO I . -0.75 6.15 -1.11
O2 EDO I . -0.65 7.35 -1.88
H11 EDO I . -2.36 5.15 -0.09
H12 EDO I . -2.58 5.27 -1.84
HO1 EDO I . -3.91 6.80 -0.70
H21 EDO I . -0.23 5.34 -1.63
H22 EDO I . -0.29 6.28 -0.14
HO2 EDO I . 0.27 7.60 -1.96
C1 EDO J . -0.31 0.00 -20.72
O1 EDO J . -0.97 -0.25 -19.47
C2 EDO J . 0.99 -0.80 -20.77
O2 EDO J . 0.65 -2.19 -20.79
H11 EDO J . -0.94 -0.29 -21.56
H12 EDO J . -0.10 1.06 -20.82
HO1 EDO J . -1.78 0.28 -19.42
H21 EDO J . 1.55 -0.54 -21.67
H22 EDO J . 1.60 -0.58 -19.90
HO2 EDO J . 1.47 -2.71 -20.78
C1 EDO K . 0.88 -8.92 -38.64
O1 EDO K . -0.25 -9.56 -38.05
C2 EDO K . 0.65 -7.42 -38.77
O2 EDO K . 0.92 -6.77 -37.52
H11 EDO K . 1.77 -9.10 -38.03
H12 EDO K . 1.06 -9.35 -39.64
HO1 EDO K . -0.08 -10.51 -37.97
H21 EDO K . 1.30 -7.01 -39.54
H22 EDO K . -0.39 -7.23 -39.07
HO2 EDO K . 0.76 -5.82 -37.61
C1 EDO L . -23.15 5.00 -21.72
O1 EDO L . -22.58 3.75 -21.32
C2 EDO L . -24.01 5.54 -20.57
O2 EDO L . -24.95 4.53 -20.17
H11 EDO L . -23.76 4.87 -22.61
H12 EDO L . -22.35 5.71 -21.94
HO1 EDO L . -22.05 3.40 -22.04
H21 EDO L . -24.55 6.43 -20.90
H22 EDO L . -23.37 5.81 -19.73
HO2 EDO L . -25.49 4.88 -19.44
PA NDP M . 1.04 8.69 -25.95
O1A NDP M . -0.42 8.74 -26.24
O2A NDP M . 1.85 9.95 -25.93
O5B NDP M . 1.77 7.56 -26.90
C5B NDP M . 0.92 6.43 -26.92
C4B NDP M . 1.71 5.33 -27.64
O4B NDP M . 1.02 4.06 -27.64
C3B NDP M . 2.03 5.69 -29.14
O3B NDP M . 3.33 5.25 -29.45
C2B NDP M . 1.00 4.86 -29.99
O2B NDP M . 1.45 4.44 -31.19
C1B NDP M . 0.90 3.62 -29.03
N9A NDP M . -0.37 2.86 -29.17
C8A NDP M . -1.69 3.26 -28.87
N7A NDP M . -2.61 2.29 -29.11
C5A NDP M . -1.82 1.21 -29.57
C6A NDP M . -2.14 -0.09 -29.99
N6A NDP M . -3.44 -0.57 -30.01
N1A NDP M . -1.16 -0.96 -30.40
C2A NDP M . 0.11 -0.46 -30.37
N3A NDP M . 0.56 0.74 -30.01
C4A NDP M . -0.44 1.57 -29.61
O3 NDP M . 0.94 8.06 -24.42
PN NDP M . 2.23 8.21 -23.46
O1N NDP M . 3.57 7.98 -24.05
O2N NDP M . 2.00 9.26 -22.38
O5D NDP M . 1.84 6.77 -22.53
C5D NDP M . 2.62 5.65 -22.76
C4D NDP M . 2.38 4.75 -21.54
O4D NDP M . 2.70 5.48 -20.34
C3D NDP M . 0.87 4.44 -21.44
O3D NDP M . 0.74 3.11 -20.96
C2D NDP M . 0.32 5.41 -20.37
O2D NDP M . -0.72 4.85 -19.66
C1D NDP M . 1.57 5.46 -19.46
N1N NDP M . 1.63 6.65 -18.60
C2N NDP M . 1.62 7.94 -19.09
C3N NDP M . 1.67 8.99 -18.21
C7N NDP M . 1.67 10.37 -18.66
O7N NDP M . 1.56 11.34 -17.88
N7N NDP M . 1.85 10.63 -19.99
C4N NDP M . 1.69 8.81 -16.75
C5N NDP M . 1.73 7.42 -16.36
C6N NDP M . 1.72 6.43 -17.23
P2B NDP M . 0.76 4.91 -32.57
O1X NDP M . -0.08 6.08 -32.14
O2X NDP M . 2.03 5.23 -33.36
O3X NDP M . 0.03 3.66 -32.97
H51A NDP M . 0.62 6.16 -26.04
H52A NDP M . 0.12 6.64 -27.44
H4B NDP M . 2.53 5.18 -27.14
H3B NDP M . 1.91 6.64 -29.33
HO3A NDP M . 3.57 5.69 -30.14
H2B NDP M . 0.15 5.33 -29.96
H1B NDP M . 1.62 2.99 -29.24
H8A NDP M . -1.88 4.11 -28.55
H61A NDP M . -4.03 -0.19 -30.51
H62A NDP M . -3.65 -1.24 -29.52
H2A NDP M . 0.75 -1.07 -30.66
H51N NDP M . 3.55 5.87 -22.79
H52N NDP M . 2.42 5.20 -23.60
H4D NDP M . 2.91 3.95 -21.61
H3D NDP M . 0.44 4.58 -22.30
HO3N NDP M . 1.19 2.63 -21.49
H2D NDP M . 0.10 6.28 -20.73
HO2N NDP M . -1.16 4.40 -20.24
H1D NDP M . 1.64 4.67 -18.90
H2N NDP M . 1.61 8.08 -20.01
H71N NDP M . 1.86 11.44 -20.27
H72N NDP M . 1.93 10.00 -20.57
H41N NDP M . 1.00 9.26 -16.34
H42N NDP M . 2.49 9.23 -16.41
H5N NDP M . 1.78 7.22 -15.45
H6N NDP M . 1.74 5.54 -16.95
C1 MLI N . -1.76 9.82 -16.87
C2 MLI N . -1.26 8.95 -15.73
C3 MLI N . -3.27 10.10 -16.76
O6 MLI N . -1.26 7.71 -15.88
O7 MLI N . -0.82 9.56 -14.72
O8 MLI N . -3.76 10.11 -15.61
O9 MLI N . -3.90 10.30 -17.83
H11 MLI N . -1.29 10.68 -16.89
H12 MLI N . -1.61 9.39 -17.72
C1 EDO O . -16.86 -8.93 -7.85
O1 EDO O . -17.19 -8.03 -8.91
C2 EDO O . -15.98 -10.06 -8.40
O2 EDO O . -14.64 -9.58 -8.58
H11 EDO O . -17.77 -9.35 -7.43
H12 EDO O . -16.34 -8.40 -7.06
HO1 EDO O . -17.69 -7.29 -8.56
H21 EDO O . -16.39 -10.43 -9.33
H22 EDO O . -15.97 -10.88 -7.68
HO2 EDO O . -14.08 -10.30 -8.92
C1 EDO P . -24.76 14.77 1.61
O1 EDO P . -23.78 15.54 0.93
C2 EDO P . -25.83 15.65 2.23
O2 EDO P . -25.26 16.70 3.00
H11 EDO P . -24.28 14.18 2.39
H12 EDO P . -25.23 14.08 0.90
HO1 EDO P . -23.12 14.96 0.55
H21 EDO P . -26.46 16.07 1.44
H22 EDO P . -26.48 15.04 2.87
HO2 EDO P . -25.97 17.24 3.38
C1 EDO Q . -32.03 1.34 -14.09
O1 EDO Q . -33.39 1.63 -14.44
C2 EDO Q . -31.14 1.60 -15.31
O2 EDO Q . -31.58 0.75 -16.38
H11 EDO Q . -31.72 1.98 -13.26
H12 EDO Q . -31.93 0.30 -13.78
HO1 EDO Q . -33.95 1.46 -13.68
H21 EDO Q . -30.10 1.39 -15.06
H22 EDO Q . -31.23 2.64 -15.60
HO2 EDO Q . -31.02 0.91 -17.15
C1 PEG R . -39.69 -13.32 0.54
O1 PEG R . -40.41 -14.55 0.57
C2 PEG R . -40.38 -12.23 1.32
O2 PEG R . -40.93 -11.25 0.44
C3 PEG R . -42.20 -10.78 0.85
C4 PEG R . -42.69 -9.70 -0.06
O4 PEG R . -43.78 -8.96 0.50
H11 PEG R . -39.57 -13.01 -0.37
H12 PEG R . -38.82 -13.47 0.93
HO1 PEG R . -40.00 -15.20 0.22
H21 PEG R . -39.74 -11.81 1.92
H22 PEG R . -41.10 -12.62 1.85
H31 PEG R . -42.83 -11.52 0.83
H32 PEG R . -42.15 -10.44 1.75
H41 PEG R . -42.98 -10.09 -0.90
H42 PEG R . -41.96 -9.09 -0.23
HO4 PEG R . -44.08 -8.36 -0.01
PA NDP S . -18.40 -19.60 -5.25
O1A NDP S . -17.83 -20.24 -6.48
O2A NDP S . -18.52 -20.38 -3.98
O5B NDP S . -19.89 -18.96 -5.59
C5B NDP S . -19.76 -18.26 -6.80
C4B NDP S . -21.08 -17.49 -6.99
O4B NDP S . -21.00 -16.64 -8.14
C3B NDP S . -22.28 -18.45 -7.14
O3B NDP S . -23.43 -17.91 -6.49
C2B NDP S . -22.62 -18.42 -8.66
O2B NDP S . -23.93 -18.52 -8.93
C1B NDP S . -22.18 -16.93 -8.92
N9A NDP S . -21.84 -16.66 -10.33
C8A NDP S . -20.78 -17.18 -11.09
N7A NDP S . -20.75 -16.73 -12.36
C5A NDP S . -21.84 -15.86 -12.41
C6A NDP S . -22.36 -15.07 -13.44
N6A NDP S . -21.77 -15.06 -14.69
N1A NDP S . -23.47 -14.30 -13.26
C2A NDP S . -24.01 -14.37 -12.00
N3A NDP S . -23.63 -15.05 -10.93
C4A NDP S . -22.53 -15.81 -11.16
O3 NDP S . -17.31 -18.36 -5.08
PN NDP S . -17.21 -17.72 -3.62
O1N NDP S . -18.52 -17.51 -2.96
O2N NDP S . -15.97 -18.16 -2.88
O5D NDP S . -16.66 -16.11 -4.11
C5D NDP S . -17.64 -15.14 -4.18
C4D NDP S . -16.87 -13.85 -4.39
O4D NDP S . -15.95 -13.79 -3.25
C3D NDP S . -15.97 -13.88 -5.66
O3D NDP S . -15.94 -12.54 -6.16
C2D NDP S . -14.57 -14.31 -5.18
O2D NDP S . -13.55 -13.78 -5.90
C1D NDP S . -14.61 -13.61 -3.75
N1N NDP S . -13.62 -14.17 -2.84
C2N NDP S . -13.61 -15.50 -2.41
C3N NDP S . -12.67 -15.92 -1.52
C7N NDP S . -12.63 -17.30 -1.03
O7N NDP S . -11.70 -17.76 -0.36
N7N NDP S . -13.71 -18.12 -1.28
C4N NDP S . -11.63 -15.02 -0.98
C5N NDP S . -11.74 -13.65 -1.49
C6N NDP S . -12.68 -13.28 -2.35
P2B NDP S . -24.52 -19.72 -9.83
O1X NDP S . -25.69 -19.99 -8.95
O2X NDP S . -24.83 -19.07 -11.18
O3X NDP S . -23.40 -20.71 -9.80
H51A NDP S . -18.98 -17.68 -6.80
H52A NDP S . -19.65 -18.88 -7.54
H4B NDP S . -21.20 -16.90 -6.22
H3B NDP S . -22.09 -19.35 -6.86
HO3A NDP S . -23.35 -18.13 -5.67
H2B NDP S . -22.01 -19.02 -9.12
H1B NDP S . -22.89 -16.31 -8.70
H8A NDP S . -20.17 -17.78 -10.72
H61A NDP S . -21.93 -15.70 -15.24
H62A NDP S . -21.25 -14.42 -14.90
H2A NDP S . -24.76 -13.84 -11.90
H51N NDP S . -18.21 -15.30 -4.95
H52N NDP S . -18.23 -15.12 -3.41
H4D NDP S . -17.48 -13.10 -4.39
H3D NDP S . -16.32 -14.51 -6.30
HO3N NDP S . -16.75 -12.33 -6.30
H2D NDP S . -14.51 -15.27 -5.10
HO2N NDP S . -13.80 -13.85 -6.72
H1D NDP S . -14.45 -12.66 -3.81
H2N NDP S . -14.27 -16.08 -2.75
H71N NDP S . -13.70 -18.93 -0.99
H72N NDP S . -14.40 -17.85 -1.73
H41N NDP S . -10.78 -15.35 -1.12
H42N NDP S . -11.73 -14.98 -0.03
H5N NDP S . -11.13 -13.02 -1.19
H6N NDP S . -12.73 -12.42 -2.66
C1 MLI T . -9.58 -16.87 -3.37
C2 MLI T . -9.14 -15.53 -2.82
C3 MLI T . -8.51 -17.45 -4.31
O6 MLI T . -8.45 -15.53 -1.77
O7 MLI T . -9.54 -14.52 -3.43
O8 MLI T . -7.35 -17.00 -4.19
O9 MLI T . -8.90 -18.31 -5.11
H11 MLI T . -10.41 -16.78 -3.87
H12 MLI T . -9.74 -17.50 -2.67
C1 EDO U . -2.11 6.07 20.04
O1 EDO U . -0.98 5.40 20.62
C2 EDO U . -1.74 7.45 19.50
O2 EDO U . -0.88 7.36 18.36
H11 EDO U . -2.90 6.16 20.80
H12 EDO U . -2.51 5.45 19.22
HO1 EDO U . -1.27 4.56 21.01
H21 EDO U . -2.64 7.99 19.24
H22 EDO U . -1.22 8.01 20.28
HO2 EDO U . -0.53 8.24 18.16
PA NDP V . -7.48 15.82 21.29
O1A NDP V . -6.31 16.74 21.38
O2A NDP V . -8.85 16.38 21.00
O5B NDP V . -7.61 14.87 22.62
C5B NDP V . -6.33 14.47 22.98
C4B NDP V . -6.54 13.51 24.15
O4B NDP V . -5.35 12.88 24.54
C3B NDP V . -7.12 14.29 25.39
O3B NDP V . -8.17 13.53 25.96
C2B NDP V . -5.95 14.35 26.41
O2B NDP V . -6.34 14.26 27.69
C1B NDP V . -5.25 13.01 25.96
N9A NDP V . -3.85 13.01 26.24
C8A NDP V . -2.87 13.85 25.69
N7A NDP V . -1.64 13.60 26.15
C5A NDP V . -1.85 12.55 27.05
C6A NDP V . -0.97 11.83 27.85
N6A NDP V . 0.36 12.11 27.87
N1A NDP V . -1.41 10.82 28.66
C2A NDP V . -2.75 10.58 28.61
N3A NDP V . -3.71 11.17 27.90
C4A NDP V . -3.22 12.17 27.10
O3 NDP V . -6.92 14.88 20.05
PN NDP V . -7.99 14.05 19.20
O1N NDP V . -9.12 13.41 19.92
O2N NDP V . -8.13 14.64 17.81
O5D NDP V . -6.92 12.71 18.80
C5D NDP V . -7.15 11.54 19.50
C4D NDP V . -6.31 10.49 18.75
O4D NDP V . -6.87 10.51 17.40
C3D NDP V . -4.86 10.90 18.61
O3D NDP V . -4.08 9.70 18.63
C2D NDP V . -4.71 11.57 17.24
O2D NDP V . -3.51 11.38 16.65
C1D NDP V . -5.78 10.68 16.47
N1N NDP V . -6.26 11.28 15.23
C2N NDP V . -6.91 12.51 15.20
C3N NDP V . -7.39 12.99 14.00
C7N NDP V . -8.07 14.26 13.93
O7N NDP V . -8.34 14.82 12.84
N7N NDP V . -8.49 14.86 15.09
C4N NDP V . -7.26 12.24 12.74
C5N NDP V . -6.53 11.00 12.89
C6N NDP V . -6.07 10.56 14.05
P2B NDP V . -6.07 15.45 28.76
O1X NDP V . -7.43 15.36 29.36
O2X NDP V . -4.91 14.94 29.64
O3X NDP V . -5.77 16.65 27.89
H51A NDP V . -5.85 14.06 22.24
H52A NDP V . -5.81 15.23 23.27
H4B NDP V . -7.15 12.81 23.87
H3B NDP V . -7.41 15.19 25.17
HO3A NDP V . -8.55 14.04 26.52
H2B NDP V . -5.37 15.09 26.16
H1B NDP V . -5.64 12.24 26.40
H8A NDP V . -3.09 14.50 25.06
H61A NDP V . 0.64 12.77 28.35
H62A NDP V . 0.90 11.64 27.41
H2A NDP V . -3.02 9.89 29.17
H51N NDP V . -6.83 11.61 20.40
H52N NDP V . -8.08 11.31 19.56
H4D NDP V . -6.43 9.62 19.17
H3D NDP V . -4.62 11.51 19.32
HO3N NDP V . -3.27 9.95 18.75
H2D NDP V . -4.97 12.50 17.25
HO2N NDP V . -2.93 11.51 17.26
H1D NDP V . -5.44 9.80 16.26
H2N NDP V . -7.01 12.98 15.99
H71N NDP V . -8.34 14.49 15.84
H72N NDP V . -8.91 15.61 15.08
H41N NDP V . -8.13 12.04 12.41
H42N NDP V . -6.86 12.80 12.08
H5N NDP V . -6.38 10.49 12.13
H6N NDP V . -5.61 9.76 14.13
C1 MLI W . -4.68 14.89 12.19
C2 MLI W . -3.48 15.77 11.84
C3 MLI W . -4.62 13.54 11.46
O6 MLI W . -2.92 15.58 10.73
O7 MLI W . -3.13 16.61 12.69
O8 MLI W . -4.02 12.61 12.01
O9 MLI W . -5.20 13.48 10.35
H11 MLI W . -5.51 15.35 11.96
H12 MLI W . -4.71 14.72 13.15
#